data_2B5N
#
_entry.id   2B5N
#
_cell.length_a   101.543
_cell.length_b   73.747
_cell.length_c   136.778
_cell.angle_alpha   90.000
_cell.angle_beta   111.728
_cell.angle_gamma   90.000
#
_symmetry.space_group_name_H-M   'P 1 21 1'
#
loop_
_entity.id
_entity.type
_entity.pdbx_description
1 polymer 'damage-specific DNA binding protein 1'
2 non-polymer 'ISOPROPYL ALCOHOL'
3 water water
#
_entity_poly.entity_id   1
_entity_poly.type   'polypeptide(L)'
_entity_poly.pdbx_seq_one_letter_code
;GSHMRNGIGIHEHASIDLPGIKGLWPLRSDPNRETYDTLVLSFVGQTRVLMLNGEEVEETELMGFVDDQQTFFCGNVAHQ
QLIQITSASVRLVSQEPKALVSEWKEPQAKNISVASCNSSQVVVAVGRALYYLQIHPQELRQISHTEMEHEVACLDITPL
GDSNGLSPLCAIGLWTDISARILKLPSFELLHKEMLGGEIIPRSILMTTFESSHYLLCALGDGALFYFGLNIETGLLSDR
KKVTLGTQPTVLRTFRSLSTTNVFACSDRPTVIYSSNHKLVFSNVNLKEVNYMCPLNSDGYPDSLALANNSTLTIGTIDE
IQK
;
_entity_poly.pdbx_strand_id   A,B,C,D
#
loop_
_chem_comp.id
_chem_comp.type
_chem_comp.name
_chem_comp.formula
IPA non-polymer 'ISOPROPYL ALCOHOL' 'C3 H8 O'
#
# COMPACT_ATOMS: atom_id res chain seq x y z
N ASN A 6 -21.86 -13.46 15.03
CA ASN A 6 -21.93 -13.11 16.48
C ASN A 6 -20.68 -12.39 16.95
N GLY A 7 -20.74 -11.88 18.16
CA GLY A 7 -19.61 -11.16 18.69
C GLY A 7 -18.32 -11.92 18.91
N ILE A 8 -17.23 -11.33 18.46
CA ILE A 8 -15.92 -11.91 18.69
C ILE A 8 -15.17 -10.86 19.51
N GLY A 9 -14.53 -11.32 20.58
CA GLY A 9 -13.78 -10.42 21.43
C GLY A 9 -12.31 -10.47 21.07
N ILE A 10 -11.59 -9.42 21.40
CA ILE A 10 -10.17 -9.37 21.12
C ILE A 10 -9.42 -9.23 22.43
N HIS A 11 -8.55 -10.18 22.73
CA HIS A 11 -7.77 -10.16 23.96
C HIS A 11 -6.46 -9.42 23.79
N GLU A 12 -6.51 -8.11 24.01
CA GLU A 12 -5.34 -7.25 23.90
C GLU A 12 -4.20 -7.84 24.74
N HIS A 13 -2.99 -7.84 24.19
CA HIS A 13 -1.84 -8.37 24.89
C HIS A 13 -0.84 -7.26 25.08
N ALA A 14 -0.68 -6.46 24.04
CA ALA A 14 0.23 -5.33 24.06
C ALA A 14 -0.45 -4.20 23.30
N SER A 15 0.12 -3.00 23.36
CA SER A 15 -0.47 -1.87 22.66
C SER A 15 0.48 -0.68 22.62
N ILE A 16 0.93 -0.34 21.43
CA ILE A 16 1.84 0.78 21.23
C ILE A 16 1.13 1.89 20.48
N ASP A 17 1.67 3.10 20.56
CA ASP A 17 1.08 4.24 19.86
C ASP A 17 1.87 4.48 18.57
N LEU A 18 1.24 4.19 17.43
CA LEU A 18 1.88 4.37 16.12
C LEU A 18 0.94 4.90 15.07
N PRO A 19 0.93 6.23 14.86
CA PRO A 19 0.04 6.81 13.85
C PRO A 19 0.51 6.57 12.42
N GLY A 20 -0.44 6.34 11.53
CA GLY A 20 -0.13 6.16 10.11
C GLY A 20 0.24 4.80 9.53
N ILE A 21 -0.01 3.72 10.24
CA ILE A 21 0.32 2.41 9.69
C ILE A 21 -0.52 2.15 8.44
N LYS A 22 0.14 1.78 7.35
CA LYS A 22 -0.55 1.51 6.09
C LYS A 22 -0.39 0.06 5.69
N GLY A 23 0.20 -0.73 6.58
CA GLY A 23 0.41 -2.13 6.31
C GLY A 23 1.26 -2.75 7.38
N LEU A 24 1.21 -4.07 7.49
CA LEU A 24 2.00 -4.79 8.47
C LEU A 24 2.11 -6.22 7.99
N TRP A 25 3.31 -6.75 8.10
CA TRP A 25 3.61 -8.10 7.64
C TRP A 25 4.46 -8.87 8.64
N PRO A 26 4.15 -10.16 8.85
CA PRO A 26 4.91 -10.98 9.80
C PRO A 26 6.11 -11.61 9.09
N LEU A 27 7.27 -11.58 9.76
CA LEU A 27 8.48 -12.15 9.20
C LEU A 27 9.26 -13.04 10.17
N ARG A 28 10.08 -13.91 9.60
CA ARG A 28 10.93 -14.79 10.37
C ARG A 28 12.36 -14.45 9.95
N SER A 29 13.12 -13.84 10.86
CA SER A 29 14.50 -13.45 10.59
C SER A 29 15.40 -14.66 10.59
N ASP A 30 14.94 -15.69 11.26
CA ASP A 30 15.69 -16.93 11.43
C ASP A 30 15.14 -18.11 10.64
N PRO A 31 15.93 -18.69 9.73
CA PRO A 31 15.48 -19.83 8.95
C PRO A 31 15.19 -20.99 9.88
N ASN A 32 16.00 -21.08 10.93
CA ASN A 32 15.94 -22.13 11.94
C ASN A 32 14.84 -21.98 12.99
N ARG A 33 14.44 -20.75 13.28
CA ARG A 33 13.30 -20.72 14.18
C ARG A 33 12.12 -21.04 13.26
N GLU A 34 10.93 -20.99 13.72
CA GLU A 34 9.74 -21.21 12.94
C GLU A 34 9.05 -19.88 13.21
N THR A 35 8.59 -19.81 14.43
CA THR A 35 7.89 -18.67 14.92
C THR A 35 8.42 -17.36 14.41
N TYR A 36 7.49 -16.44 14.13
CA TYR A 36 7.81 -15.12 13.64
C TYR A 36 8.44 -14.30 14.77
N ASP A 37 9.45 -13.52 14.44
CA ASP A 37 10.16 -12.71 15.42
C ASP A 37 10.24 -11.27 14.94
N THR A 38 9.67 -11.02 13.79
CA THR A 38 9.69 -9.69 13.19
C THR A 38 8.31 -9.20 12.79
N LEU A 39 8.17 -7.89 12.75
CA LEU A 39 6.91 -7.25 12.37
C LEU A 39 7.28 -6.00 11.57
N VAL A 40 6.94 -5.98 10.28
CA VAL A 40 7.25 -4.84 9.43
C VAL A 40 6.04 -3.91 9.26
N LEU A 41 6.23 -2.61 9.54
CA LEU A 41 5.16 -1.63 9.42
C LEU A 41 5.29 -0.73 8.19
N SER A 42 4.17 -0.19 7.73
CA SER A 42 4.16 0.70 6.58
C SER A 42 3.62 2.09 6.88
N PHE A 43 4.19 3.09 6.22
CA PHE A 43 3.78 4.47 6.39
C PHE A 43 3.92 5.15 5.04
N VAL A 44 3.53 6.42 4.97
CA VAL A 44 3.63 7.12 3.71
C VAL A 44 5.10 7.23 3.29
N GLY A 45 5.44 6.44 2.27
CA GLY A 45 6.80 6.44 1.75
C GLY A 45 7.84 5.89 2.72
N GLN A 46 7.42 5.47 3.89
CA GLN A 46 8.37 4.95 4.86
C GLN A 46 8.01 3.57 5.42
N THR A 47 9.03 2.78 5.70
CA THR A 47 8.85 1.44 6.25
C THR A 47 9.72 1.29 7.48
N ARG A 48 9.17 0.69 8.52
CA ARG A 48 9.92 0.48 9.76
C ARG A 48 9.82 -0.98 10.16
N VAL A 49 10.79 -1.45 10.93
CA VAL A 49 10.78 -2.84 11.35
C VAL A 49 10.83 -2.97 12.86
N LEU A 50 10.11 -3.94 13.39
CA LEU A 50 10.05 -4.19 14.83
C LEU A 50 10.54 -5.60 15.16
N MET A 51 11.45 -5.70 16.12
CA MET A 51 11.99 -7.00 16.52
C MET A 51 11.17 -7.47 17.73
N LEU A 52 10.65 -8.70 17.64
CA LEU A 52 9.84 -9.27 18.71
C LEU A 52 10.57 -10.30 19.53
N ASN A 53 10.81 -9.99 20.80
CA ASN A 53 11.54 -10.94 21.62
C ASN A 53 10.64 -11.90 22.40
N GLY A 54 9.79 -11.35 23.27
CA GLY A 54 8.90 -12.15 24.05
C GLY A 54 8.28 -11.15 24.99
N GLU A 55 7.35 -10.36 24.44
CA GLU A 55 6.67 -9.30 25.19
C GLU A 55 7.53 -8.05 25.08
N GLU A 56 8.69 -8.20 24.46
CA GLU A 56 9.59 -7.08 24.28
C GLU A 56 9.65 -6.63 22.86
N VAL A 57 9.44 -5.34 22.67
CA VAL A 57 9.51 -4.79 21.33
C VAL A 57 10.74 -3.92 21.27
N GLU A 58 11.61 -4.28 20.36
CA GLU A 58 12.80 -3.51 20.12
C GLU A 58 12.56 -3.07 18.69
N GLU A 59 12.96 -1.85 18.40
CA GLU A 59 12.81 -1.27 17.07
C GLU A 59 14.12 -1.63 16.34
N THR A 60 14.07 -2.13 15.11
CA THR A 60 15.30 -2.49 14.40
C THR A 60 15.48 -2.00 12.97
N GLU A 61 16.44 -2.63 12.30
CA GLU A 61 16.77 -2.34 10.90
C GLU A 61 16.95 -3.70 10.23
N LEU A 62 16.62 -3.80 8.95
CA LEU A 62 16.79 -5.05 8.22
C LEU A 62 17.56 -4.70 6.96
N MET A 63 18.71 -5.35 6.80
CA MET A 63 19.62 -5.04 5.67
C MET A 63 19.23 -5.06 4.21
N GLY A 64 18.50 -6.09 3.75
CA GLY A 64 18.11 -6.03 2.36
C GLY A 64 17.04 -4.99 2.15
N PHE A 65 16.17 -4.90 3.14
CA PHE A 65 15.05 -3.97 3.06
C PHE A 65 15.46 -2.51 3.01
N VAL A 66 14.59 -1.71 2.40
CA VAL A 66 14.81 -0.29 2.27
C VAL A 66 13.78 0.41 3.17
N ASP A 67 14.11 1.60 3.67
CA ASP A 67 13.22 2.32 4.59
C ASP A 67 12.66 3.63 4.04
N ASP A 68 13.20 4.10 2.93
CA ASP A 68 12.75 5.36 2.35
C ASP A 68 11.54 5.20 1.44
N GLN A 69 11.08 3.97 1.28
CA GLN A 69 9.91 3.67 0.44
C GLN A 69 8.75 3.18 1.29
N GLN A 70 7.65 2.85 0.64
CA GLN A 70 6.47 2.33 1.31
C GLN A 70 6.34 0.89 0.83
N THR A 71 6.29 -0.04 1.78
CA THR A 71 6.19 -1.45 1.45
C THR A 71 4.76 -1.87 1.11
N PHE A 72 4.61 -2.60 0.01
CA PHE A 72 3.31 -3.07 -0.40
C PHE A 72 3.16 -4.50 0.08
N PHE A 73 4.30 -5.10 0.38
CA PHE A 73 4.32 -6.47 0.85
C PHE A 73 5.75 -6.92 1.10
N CYS A 74 5.88 -7.89 1.99
CA CYS A 74 7.17 -8.47 2.30
C CYS A 74 6.91 -9.66 3.20
N GLY A 75 7.70 -10.70 3.03
CA GLY A 75 7.54 -11.90 3.82
C GLY A 75 8.59 -12.95 3.52
N ASN A 76 8.41 -14.13 4.06
CA ASN A 76 9.34 -15.22 3.86
C ASN A 76 9.07 -15.92 2.52
N VAL A 77 10.04 -15.87 1.61
CA VAL A 77 9.89 -16.52 0.33
C VAL A 77 10.73 -17.78 0.32
N ALA A 78 10.68 -18.50 -0.79
CA ALA A 78 11.41 -19.74 -0.94
C ALA A 78 12.92 -19.62 -0.86
N HIS A 79 13.57 -20.77 -0.77
CA HIS A 79 15.02 -20.86 -0.72
C HIS A 79 15.64 -20.02 0.39
N GLN A 80 15.04 -20.06 1.58
CA GLN A 80 15.57 -19.29 2.70
C GLN A 80 15.84 -17.83 2.34
N GLN A 81 14.79 -17.13 1.86
CA GLN A 81 14.95 -15.73 1.51
C GLN A 81 13.75 -14.91 1.94
N LEU A 82 13.90 -13.59 1.89
CA LEU A 82 12.84 -12.66 2.24
C LEU A 82 12.63 -11.79 1.01
N ILE A 83 11.46 -11.16 0.92
CA ILE A 83 11.17 -10.32 -0.23
C ILE A 83 10.47 -9.05 0.21
N GLN A 84 10.79 -7.93 -0.43
CA GLN A 84 10.17 -6.66 -0.07
C GLN A 84 9.67 -5.92 -1.32
N ILE A 85 8.42 -6.16 -1.68
CA ILE A 85 7.87 -5.48 -2.85
C ILE A 85 7.55 -4.05 -2.42
N THR A 86 8.13 -3.10 -3.15
CA THR A 86 7.93 -1.70 -2.86
C THR A 86 7.34 -0.96 -4.07
N SER A 87 7.10 0.33 -3.90
CA SER A 87 6.56 1.16 -4.95
C SER A 87 7.57 1.36 -6.07
N ALA A 88 8.83 1.08 -5.76
CA ALA A 88 9.90 1.23 -6.72
C ALA A 88 10.41 -0.11 -7.24
N SER A 89 10.54 -1.08 -6.36
CA SER A 89 11.05 -2.36 -6.81
C SER A 89 10.85 -3.51 -5.85
N VAL A 90 10.78 -4.68 -6.46
CA VAL A 90 10.65 -5.94 -5.75
C VAL A 90 12.09 -6.33 -5.49
N ARG A 91 12.46 -6.45 -4.23
CA ARG A 91 13.83 -6.82 -3.91
C ARG A 91 13.91 -8.09 -3.06
N LEU A 92 14.72 -9.03 -3.54
CA LEU A 92 14.91 -10.30 -2.84
C LEU A 92 16.05 -10.14 -1.86
N VAL A 93 16.01 -10.92 -0.78
CA VAL A 93 17.03 -10.80 0.24
C VAL A 93 17.39 -12.13 0.88
N SER A 94 18.67 -12.47 0.82
CA SER A 94 19.16 -13.71 1.42
C SER A 94 18.89 -13.67 2.90
N GLN A 95 18.56 -14.82 3.47
CA GLN A 95 18.28 -14.92 4.89
C GLN A 95 19.56 -14.97 5.71
N GLU A 96 20.50 -15.80 5.27
CA GLU A 96 21.77 -15.97 5.97
C GLU A 96 22.53 -14.64 6.09
N PRO A 97 23.50 -14.35 5.19
CA PRO A 97 24.16 -13.06 5.40
C PRO A 97 23.18 -11.89 5.51
N LYS A 98 22.08 -11.96 4.77
CA LYS A 98 21.07 -10.91 4.78
C LYS A 98 21.43 -9.72 3.90
N ALA A 99 21.28 -9.89 2.60
CA ALA A 99 21.59 -8.81 1.67
C ALA A 99 20.79 -8.98 0.39
N LEU A 100 20.63 -7.87 -0.32
CA LEU A 100 19.90 -7.88 -1.57
C LEU A 100 20.68 -8.76 -2.54
N VAL A 101 20.07 -9.87 -2.95
CA VAL A 101 20.71 -10.79 -3.87
C VAL A 101 20.06 -10.71 -5.24
N SER A 102 18.93 -10.02 -5.32
CA SER A 102 18.22 -9.87 -6.57
C SER A 102 17.19 -8.75 -6.47
N GLU A 103 17.07 -7.95 -7.53
CA GLU A 103 16.12 -6.84 -7.54
C GLU A 103 15.49 -6.63 -8.90
N TRP A 104 14.16 -6.58 -8.94
CA TRP A 104 13.43 -6.38 -10.18
C TRP A 104 12.87 -4.95 -10.25
N LYS A 105 12.74 -4.44 -11.47
CA LYS A 105 12.19 -3.10 -11.71
C LYS A 105 11.43 -3.07 -13.03
N GLU A 106 10.45 -2.19 -13.11
CA GLU A 106 9.63 -2.04 -14.32
C GLU A 106 10.55 -1.47 -15.40
N PRO A 107 10.66 -2.17 -16.54
CA PRO A 107 11.50 -1.80 -17.69
C PRO A 107 11.54 -0.31 -18.06
N GLN A 108 10.58 0.47 -17.57
CA GLN A 108 10.54 1.90 -17.90
C GLN A 108 10.53 2.86 -16.72
N ALA A 109 10.78 2.34 -15.52
CA ALA A 109 10.82 3.17 -14.32
C ALA A 109 9.43 3.55 -13.81
N LYS A 110 8.42 2.74 -14.11
CA LYS A 110 7.07 3.04 -13.61
C LYS A 110 6.95 2.50 -12.20
N ASN A 111 6.11 3.12 -11.38
CA ASN A 111 5.92 2.61 -10.04
C ASN A 111 5.08 1.38 -10.12
N ILE A 112 5.48 0.40 -9.33
CA ILE A 112 4.60 -0.72 -9.13
C ILE A 112 3.43 0.05 -8.52
N SER A 113 2.21 -0.40 -8.62
CA SER A 113 1.08 0.31 -8.05
C SER A 113 0.35 -0.69 -7.25
N VAL A 114 0.57 -1.95 -7.62
CA VAL A 114 -0.12 -3.07 -6.96
C VAL A 114 0.72 -4.35 -6.91
N ALA A 115 0.69 -5.03 -5.76
CA ALA A 115 1.46 -6.26 -5.58
C ALA A 115 0.77 -7.41 -4.87
N SER A 116 1.20 -8.62 -5.22
CA SER A 116 0.70 -9.84 -4.61
C SER A 116 1.90 -10.77 -4.62
N CYS A 117 1.94 -11.71 -3.68
CA CYS A 117 3.07 -12.61 -3.61
C CYS A 117 2.85 -13.78 -2.65
N ASN A 118 3.25 -14.97 -3.06
CA ASN A 118 3.18 -16.14 -2.21
C ASN A 118 4.64 -16.56 -2.08
N SER A 119 4.92 -17.76 -1.60
CA SER A 119 6.31 -18.19 -1.42
C SER A 119 7.17 -18.34 -2.67
N SER A 120 6.58 -18.76 -3.78
CA SER A 120 7.35 -18.96 -5.01
C SER A 120 7.01 -18.06 -6.17
N GLN A 121 5.89 -17.36 -6.07
CA GLN A 121 5.45 -16.50 -7.15
C GLN A 121 5.16 -15.07 -6.72
N VAL A 122 5.37 -14.16 -7.65
CA VAL A 122 5.08 -12.76 -7.45
C VAL A 122 4.39 -12.30 -8.72
N VAL A 123 3.31 -11.55 -8.55
CA VAL A 123 2.56 -11.02 -9.67
C VAL A 123 2.27 -9.57 -9.32
N VAL A 124 2.99 -8.64 -9.95
CA VAL A 124 2.76 -7.23 -9.67
C VAL A 124 2.08 -6.55 -10.85
N ALA A 125 1.44 -5.43 -10.55
CA ALA A 125 0.76 -4.65 -11.58
C ALA A 125 1.50 -3.34 -11.75
N VAL A 126 1.17 -2.62 -12.81
CA VAL A 126 1.79 -1.34 -13.08
C VAL A 126 0.76 -0.56 -13.88
N GLY A 127 -0.14 0.12 -13.16
CA GLY A 127 -1.17 0.92 -13.79
C GLY A 127 -2.10 0.27 -14.80
N ARG A 128 -1.74 -0.90 -15.32
CA ARG A 128 -2.57 -1.60 -16.30
C ARG A 128 -1.80 -2.78 -16.91
N ALA A 129 -0.58 -3.02 -16.44
CA ALA A 129 0.22 -4.14 -16.95
C ALA A 129 0.54 -5.11 -15.81
N LEU A 130 0.65 -6.39 -16.13
CA LEU A 130 0.94 -7.43 -15.14
C LEU A 130 2.24 -8.18 -15.40
N TYR A 131 3.05 -8.35 -14.36
CA TYR A 131 4.29 -9.08 -14.49
C TYR A 131 4.32 -10.27 -13.54
N TYR A 132 4.65 -11.45 -14.08
CA TYR A 132 4.73 -12.66 -13.27
C TYR A 132 6.22 -12.98 -13.07
N LEU A 133 6.62 -13.12 -11.80
CA LEU A 133 8.01 -13.42 -11.47
C LEU A 133 8.06 -14.63 -10.54
N GLN A 134 9.02 -15.53 -10.72
CA GLN A 134 9.14 -16.68 -9.83
C GLN A 134 10.33 -16.44 -8.92
N ILE A 135 10.37 -17.12 -7.77
CA ILE A 135 11.45 -16.93 -6.81
C ILE A 135 12.46 -18.07 -6.79
N HIS A 136 13.63 -17.83 -7.39
CA HIS A 136 14.68 -18.83 -7.43
C HIS A 136 15.79 -18.44 -6.45
N PRO A 137 16.78 -19.34 -6.24
CA PRO A 137 17.90 -19.11 -5.33
C PRO A 137 18.30 -17.68 -5.06
N GLN A 138 18.88 -16.98 -6.03
CA GLN A 138 19.23 -15.59 -5.80
C GLN A 138 18.75 -14.84 -7.02
N GLU A 139 17.56 -15.22 -7.49
CA GLU A 139 17.00 -14.62 -8.69
C GLU A 139 15.48 -14.42 -8.73
N LEU A 140 15.10 -13.24 -9.23
CA LEU A 140 13.71 -12.86 -9.42
C LEU A 140 13.52 -13.03 -10.93
N ARG A 141 13.19 -14.26 -11.34
CA ARG A 141 13.01 -14.59 -12.76
C ARG A 141 11.64 -14.22 -13.34
N GLN A 142 11.62 -13.36 -14.36
CA GLN A 142 10.38 -12.91 -15.00
C GLN A 142 9.87 -13.91 -16.03
N ILE A 143 8.62 -14.35 -15.86
CA ILE A 143 7.98 -15.37 -16.71
C ILE A 143 6.94 -14.95 -17.78
N SER A 144 6.41 -13.73 -17.74
CA SER A 144 5.40 -13.24 -18.74
C SER A 144 4.81 -11.82 -18.40
N HIS A 145 4.24 -11.10 -19.42
CA HIS A 145 3.77 -9.68 -19.23
C HIS A 145 2.83 -9.14 -20.29
N THR A 146 1.61 -9.06 -19.90
CA THR A 146 0.48 -8.66 -20.73
C THR A 146 -0.19 -7.39 -20.24
N GLU A 147 -1.02 -6.74 -21.06
CA GLU A 147 -1.75 -5.54 -20.65
C GLU A 147 -3.22 -5.89 -20.43
N MET A 148 -3.77 -5.44 -19.31
CA MET A 148 -5.18 -5.70 -19.01
C MET A 148 -6.02 -4.58 -19.61
N GLU A 149 -7.16 -4.94 -20.18
CA GLU A 149 -8.05 -3.94 -20.78
C GLU A 149 -8.21 -2.70 -19.91
N HIS A 150 -8.11 -2.87 -18.60
CA HIS A 150 -8.25 -1.74 -17.69
C HIS A 150 -7.27 -1.76 -16.53
N GLU A 151 -7.08 -0.60 -15.92
CA GLU A 151 -6.20 -0.46 -14.78
C GLU A 151 -6.54 -1.50 -13.72
N VAL A 152 -5.52 -2.19 -13.24
CA VAL A 152 -5.68 -3.23 -12.23
C VAL A 152 -5.77 -2.57 -10.86
N ALA A 153 -6.80 -2.95 -10.11
CA ALA A 153 -7.05 -2.37 -8.79
C ALA A 153 -6.64 -3.26 -7.62
N CYS A 154 -6.45 -4.55 -7.88
CA CYS A 154 -6.07 -5.49 -6.85
C CYS A 154 -5.90 -6.89 -7.43
N LEU A 155 -5.10 -7.70 -6.78
CA LEU A 155 -4.89 -9.06 -7.23
C LEU A 155 -4.44 -9.97 -6.11
N ASP A 156 -4.58 -11.27 -6.33
CA ASP A 156 -4.22 -12.25 -5.33
C ASP A 156 -3.80 -13.54 -6.00
N ILE A 157 -2.89 -14.25 -5.35
CA ILE A 157 -2.39 -15.50 -5.90
C ILE A 157 -2.22 -16.54 -4.81
N THR A 158 -3.05 -16.46 -3.78
CA THR A 158 -2.99 -17.41 -2.67
C THR A 158 -3.15 -18.84 -3.23
N PRO A 159 -2.15 -19.71 -3.00
CA PRO A 159 -2.28 -21.07 -3.51
C PRO A 159 -3.39 -21.84 -2.79
N LEU A 160 -4.09 -22.72 -3.51
CA LEU A 160 -5.19 -23.47 -2.92
C LEU A 160 -4.99 -24.99 -2.89
N GLY A 165 2.43 -25.40 -2.91
CA GLY A 165 3.34 -25.10 -4.00
C GLY A 165 2.95 -23.87 -4.80
N LEU A 166 3.06 -23.97 -6.12
CA LEU A 166 2.71 -22.86 -6.98
C LEU A 166 1.20 -22.70 -7.09
N SER A 167 0.78 -21.58 -7.66
CA SER A 167 -0.64 -21.29 -7.86
C SER A 167 -0.86 -21.23 -9.35
N PRO A 168 -1.75 -22.08 -9.88
CA PRO A 168 -2.00 -22.04 -11.33
C PRO A 168 -2.87 -20.86 -11.71
N LEU A 169 -3.41 -20.18 -10.70
CA LEU A 169 -4.33 -19.05 -10.94
C LEU A 169 -3.97 -17.74 -10.26
N CYS A 170 -4.39 -16.65 -10.90
CA CYS A 170 -4.21 -15.29 -10.41
C CYS A 170 -5.60 -14.67 -10.45
N ALA A 171 -5.93 -13.85 -9.47
CA ALA A 171 -7.25 -13.22 -9.45
C ALA A 171 -7.11 -11.70 -9.45
N ILE A 172 -7.74 -11.06 -10.44
CA ILE A 172 -7.65 -9.61 -10.58
C ILE A 172 -8.98 -8.87 -10.44
N GLY A 173 -8.85 -7.58 -10.09
CA GLY A 173 -9.97 -6.68 -9.96
C GLY A 173 -9.63 -5.47 -10.81
N LEU A 174 -10.48 -5.18 -11.80
CA LEU A 174 -10.24 -4.04 -12.70
C LEU A 174 -11.00 -2.76 -12.38
N TRP A 175 -10.42 -1.66 -12.84
CA TRP A 175 -10.99 -0.33 -12.61
C TRP A 175 -12.38 -0.10 -13.17
N THR A 176 -12.47 0.54 -14.33
CA THR A 176 -13.75 0.83 -14.96
C THR A 176 -14.68 -0.36 -15.13
N ASP A 177 -14.21 -1.40 -15.83
CA ASP A 177 -15.02 -2.59 -16.05
C ASP A 177 -15.72 -3.01 -14.76
N ILE A 178 -15.01 -2.86 -13.64
CA ILE A 178 -15.53 -3.24 -12.33
C ILE A 178 -15.81 -4.74 -12.33
N SER A 179 -14.89 -5.47 -12.94
CA SER A 179 -14.98 -6.91 -13.02
C SER A 179 -14.00 -7.57 -12.08
N ALA A 180 -14.24 -8.84 -11.81
CA ALA A 180 -13.38 -9.65 -10.97
C ALA A 180 -13.09 -10.76 -11.94
N ARG A 181 -11.81 -11.06 -12.16
CA ARG A 181 -11.45 -12.11 -13.10
C ARG A 181 -10.48 -13.12 -12.53
N ILE A 182 -10.40 -14.26 -13.18
CA ILE A 182 -9.52 -15.36 -12.80
C ILE A 182 -8.68 -15.63 -14.04
N LEU A 183 -7.35 -15.55 -13.91
CA LEU A 183 -6.45 -15.76 -15.05
C LEU A 183 -5.49 -16.95 -14.85
N LYS A 184 -5.01 -17.50 -15.96
CA LYS A 184 -4.04 -18.60 -15.90
C LYS A 184 -2.67 -17.95 -15.74
N LEU A 185 -1.90 -18.45 -14.79
CA LEU A 185 -0.60 -17.86 -14.52
C LEU A 185 0.46 -17.90 -15.60
N PRO A 186 0.85 -19.09 -16.05
CA PRO A 186 1.88 -19.10 -17.09
C PRO A 186 1.39 -18.57 -18.44
N SER A 187 0.47 -17.61 -18.42
CA SER A 187 -0.06 -17.07 -19.67
C SER A 187 -1.00 -15.89 -19.52
N PHE A 188 -1.75 -15.87 -18.43
CA PHE A 188 -2.69 -14.80 -18.16
C PHE A 188 -3.97 -14.89 -19.00
N GLU A 189 -4.27 -16.10 -19.48
CA GLU A 189 -5.47 -16.34 -20.28
C GLU A 189 -6.71 -16.21 -19.39
N LEU A 190 -7.78 -15.64 -19.94
CA LEU A 190 -9.02 -15.46 -19.19
C LEU A 190 -9.77 -16.78 -18.97
N LEU A 191 -10.16 -17.03 -17.72
CA LEU A 191 -10.88 -18.25 -17.37
C LEU A 191 -12.29 -17.94 -16.91
N HIS A 192 -12.52 -16.69 -16.55
CA HIS A 192 -13.84 -16.28 -16.08
C HIS A 192 -13.86 -14.81 -15.68
N LYS A 193 -14.82 -14.08 -16.22
CA LYS A 193 -14.98 -12.65 -15.97
C LYS A 193 -16.32 -12.38 -15.29
N GLU A 194 -16.29 -11.57 -14.22
CA GLU A 194 -17.50 -11.24 -13.48
C GLU A 194 -17.76 -9.74 -13.35
N MET A 195 -18.78 -9.25 -14.04
CA MET A 195 -19.09 -7.83 -13.93
C MET A 195 -19.75 -7.64 -12.57
N LEU A 196 -19.26 -6.67 -11.80
CA LEU A 196 -19.75 -6.43 -10.46
C LEU A 196 -20.63 -5.20 -10.22
N GLY A 197 -20.88 -4.40 -11.24
CA GLY A 197 -21.74 -3.26 -11.04
C GLY A 197 -21.28 -2.01 -10.29
N GLY A 198 -21.87 -0.88 -10.69
CA GLY A 198 -21.57 0.44 -10.15
C GLY A 198 -20.39 1.29 -10.60
N GLU A 199 -19.99 2.22 -9.74
CA GLU A 199 -18.87 3.10 -10.03
C GLU A 199 -17.82 3.05 -8.94
N ILE A 200 -17.89 2.01 -8.11
CA ILE A 200 -16.94 1.81 -7.03
C ILE A 200 -16.04 0.64 -7.40
N ILE A 201 -14.76 0.92 -7.56
CA ILE A 201 -13.81 -0.12 -7.93
C ILE A 201 -13.50 -1.09 -6.78
N PRO A 202 -13.05 -2.30 -7.12
CA PRO A 202 -12.71 -3.29 -6.10
C PRO A 202 -11.49 -2.79 -5.34
N ARG A 203 -11.42 -3.03 -4.04
CA ARG A 203 -10.26 -2.59 -3.26
C ARG A 203 -9.49 -3.78 -2.71
N SER A 204 -10.13 -4.94 -2.68
CA SER A 204 -9.49 -6.13 -2.12
C SER A 204 -10.06 -7.40 -2.75
N ILE A 205 -9.18 -8.33 -3.11
CA ILE A 205 -9.62 -9.60 -3.68
C ILE A 205 -8.82 -10.74 -3.05
N LEU A 206 -9.44 -11.91 -2.93
CA LEU A 206 -8.78 -13.03 -2.28
C LEU A 206 -9.34 -14.40 -2.59
N MET A 207 -8.45 -15.37 -2.77
CA MET A 207 -8.90 -16.74 -3.00
C MET A 207 -8.57 -17.47 -1.69
N THR A 208 -9.49 -18.29 -1.20
CA THR A 208 -9.26 -19.06 0.02
C THR A 208 -10.14 -20.27 0.10
N THR A 209 -9.89 -21.09 1.13
CA THR A 209 -10.63 -22.34 1.33
C THR A 209 -11.22 -22.44 2.72
N PHE A 210 -12.46 -23.00 2.85
CA PHE A 210 -13.06 -22.95 4.21
C PHE A 210 -13.37 -24.19 5.05
N GLU A 211 -13.96 -25.16 4.48
CA GLU A 211 -14.19 -26.39 5.16
C GLU A 211 -13.30 -27.31 4.35
N SER A 212 -13.75 -27.43 3.11
CA SER A 212 -13.12 -28.18 2.06
C SER A 212 -13.37 -27.59 0.67
N SER A 213 -14.02 -26.43 0.63
CA SER A 213 -14.32 -25.77 -0.65
C SER A 213 -13.64 -24.42 -0.81
N HIS A 214 -13.32 -24.08 -2.06
CA HIS A 214 -12.63 -22.85 -2.40
C HIS A 214 -13.56 -21.70 -2.75
N TYR A 215 -13.18 -20.49 -2.38
CA TYR A 215 -13.99 -19.30 -2.64
C TYR A 215 -13.18 -18.14 -3.17
N LEU A 216 -13.89 -17.24 -3.84
CA LEU A 216 -13.29 -16.03 -4.36
C LEU A 216 -13.97 -14.90 -3.59
N LEU A 217 -13.19 -14.04 -2.96
CA LEU A 217 -13.75 -12.92 -2.23
C LEU A 217 -13.29 -11.62 -2.84
N CYS A 218 -14.23 -10.70 -3.03
CA CYS A 218 -13.90 -9.41 -3.61
C CYS A 218 -14.63 -8.32 -2.85
N ALA A 219 -13.85 -7.43 -2.23
CA ALA A 219 -14.41 -6.33 -1.46
C ALA A 219 -14.32 -5.06 -2.29
N LEU A 220 -15.45 -4.38 -2.46
CA LEU A 220 -15.45 -3.15 -3.23
C LEU A 220 -15.14 -1.96 -2.32
N GLY A 221 -14.85 -0.82 -2.93
CA GLY A 221 -14.52 0.37 -2.17
C GLY A 221 -15.58 0.97 -1.27
N ASP A 222 -16.85 0.59 -1.46
CA ASP A 222 -17.90 1.15 -0.63
C ASP A 222 -18.30 0.28 0.55
N GLY A 223 -17.61 -0.86 0.72
CA GLY A 223 -17.92 -1.74 1.82
C GLY A 223 -18.70 -2.98 1.42
N ALA A 224 -18.97 -3.13 0.13
CA ALA A 224 -19.70 -4.28 -0.37
C ALA A 224 -18.77 -5.48 -0.54
N LEU A 225 -19.17 -6.62 0.01
CA LEU A 225 -18.36 -7.83 -0.11
C LEU A 225 -19.08 -8.88 -0.95
N PHE A 226 -18.42 -9.34 -2.00
CA PHE A 226 -18.96 -10.37 -2.88
C PHE A 226 -18.18 -11.64 -2.63
N TYR A 227 -18.86 -12.78 -2.68
CA TYR A 227 -18.15 -14.05 -2.51
C TYR A 227 -18.70 -15.08 -3.46
N PHE A 228 -17.80 -15.64 -4.27
CA PHE A 228 -18.14 -16.65 -5.25
C PHE A 228 -17.50 -17.98 -4.87
N GLY A 229 -18.12 -19.07 -5.30
CA GLY A 229 -17.53 -20.37 -5.05
C GLY A 229 -16.51 -20.43 -6.17
N LEU A 230 -15.41 -21.15 -5.98
CA LEU A 230 -14.40 -21.20 -7.03
C LEU A 230 -13.96 -22.62 -7.36
N ASN A 231 -13.85 -22.90 -8.65
CA ASN A 231 -13.42 -24.21 -9.10
C ASN A 231 -11.99 -24.04 -9.60
N ILE A 232 -11.04 -24.55 -8.84
CA ILE A 232 -9.63 -24.44 -9.22
C ILE A 232 -9.44 -24.88 -10.65
N GLU A 233 -9.55 -26.18 -10.86
CA GLU A 233 -9.39 -26.81 -12.18
C GLU A 233 -9.66 -25.96 -13.41
N THR A 234 -10.76 -25.23 -13.45
CA THR A 234 -11.07 -24.39 -14.62
C THR A 234 -11.29 -22.94 -14.23
N GLY A 235 -11.55 -22.70 -12.96
CA GLY A 235 -11.66 -21.34 -12.55
C GLY A 235 -12.88 -20.65 -13.03
N LEU A 236 -13.95 -21.08 -12.50
CA LEU A 236 -15.22 -20.58 -12.89
C LEU A 236 -15.88 -20.14 -11.59
N LEU A 237 -16.56 -19.01 -11.52
CA LEU A 237 -17.20 -18.54 -10.30
C LEU A 237 -18.66 -18.89 -10.31
N SER A 238 -19.21 -19.33 -9.18
CA SER A 238 -20.61 -19.68 -9.15
C SER A 238 -21.20 -19.32 -7.79
N ASP A 239 -22.51 -19.07 -7.80
CA ASP A 239 -23.25 -18.73 -6.58
C ASP A 239 -22.84 -17.39 -5.99
N ARG A 240 -22.90 -16.37 -6.83
CA ARG A 240 -22.56 -15.00 -6.46
C ARG A 240 -23.45 -14.43 -5.36
N LYS A 241 -22.83 -14.09 -4.23
CA LYS A 241 -23.56 -13.53 -3.11
C LYS A 241 -22.92 -12.21 -2.68
N LYS A 242 -23.76 -11.25 -2.32
CA LYS A 242 -23.27 -9.94 -1.91
C LYS A 242 -23.84 -9.52 -0.56
N VAL A 243 -22.96 -9.11 0.33
CA VAL A 243 -23.36 -8.66 1.65
C VAL A 243 -22.59 -7.38 1.89
N THR A 244 -23.06 -6.56 2.83
CA THR A 244 -22.38 -5.31 3.11
C THR A 244 -21.75 -5.33 4.50
N LEU A 245 -20.52 -4.84 4.58
CA LEU A 245 -19.77 -4.77 5.83
C LEU A 245 -19.04 -3.45 5.86
N GLY A 246 -19.69 -2.43 6.41
CA GLY A 246 -19.08 -1.12 6.48
C GLY A 246 -19.43 -0.27 5.29
N THR A 247 -18.90 0.96 5.28
CA THR A 247 -19.16 1.91 4.23
C THR A 247 -17.86 2.30 3.56
N GLN A 248 -16.75 2.08 4.25
CA GLN A 248 -15.43 2.41 3.73
C GLN A 248 -14.77 1.19 3.11
N PRO A 249 -13.76 1.39 2.26
CA PRO A 249 -13.07 0.26 1.64
C PRO A 249 -12.68 -0.81 2.67
N THR A 250 -12.98 -2.05 2.33
CA THR A 250 -12.72 -3.20 3.18
C THR A 250 -11.52 -3.97 2.65
N VAL A 251 -10.56 -4.27 3.51
CA VAL A 251 -9.39 -5.03 3.07
C VAL A 251 -9.46 -6.43 3.69
N LEU A 252 -9.24 -7.44 2.86
CA LEU A 252 -9.33 -8.83 3.28
C LEU A 252 -7.99 -9.50 3.54
N ARG A 253 -7.83 -10.05 4.74
CA ARG A 253 -6.59 -10.73 5.12
C ARG A 253 -6.92 -12.12 5.65
N THR A 254 -6.04 -13.08 5.34
CA THR A 254 -6.24 -14.45 5.80
C THR A 254 -5.40 -14.72 7.05
N PHE A 255 -6.00 -15.36 8.06
CA PHE A 255 -5.29 -15.68 9.30
C PHE A 255 -5.64 -17.08 9.81
N ARG A 256 -4.86 -17.59 10.75
CA ARG A 256 -5.11 -18.93 11.29
C ARG A 256 -5.67 -18.96 12.71
N SER A 257 -6.68 -19.81 12.91
CA SER A 257 -7.31 -19.96 14.22
C SER A 257 -6.95 -21.36 14.71
N LEU A 258 -7.57 -21.80 15.80
CA LEU A 258 -7.30 -23.14 16.30
C LEU A 258 -7.40 -24.05 15.09
N SER A 259 -8.34 -23.74 14.22
CA SER A 259 -8.55 -24.50 12.99
C SER A 259 -7.30 -24.32 12.14
N THR A 260 -7.46 -23.75 10.95
CA THR A 260 -6.32 -23.52 10.07
C THR A 260 -6.54 -22.29 9.19
N THR A 261 -7.78 -21.83 9.08
CA THR A 261 -8.02 -20.68 8.22
C THR A 261 -9.36 -19.94 8.30
N ASN A 262 -9.27 -18.65 8.59
CA ASN A 262 -10.40 -17.72 8.68
C ASN A 262 -10.01 -16.51 7.85
N VAL A 263 -10.87 -15.51 7.79
CA VAL A 263 -10.56 -14.30 7.03
C VAL A 263 -10.94 -13.06 7.84
N PHE A 264 -9.98 -12.15 7.98
CA PHE A 264 -10.25 -10.93 8.71
C PHE A 264 -10.63 -9.89 7.67
N ALA A 265 -11.67 -9.12 7.96
CA ALA A 265 -12.10 -8.07 7.04
C ALA A 265 -11.91 -6.75 7.78
N CYS A 266 -11.04 -5.91 7.25
CA CYS A 266 -10.77 -4.62 7.87
C CYS A 266 -11.68 -3.56 7.27
N SER A 267 -12.35 -2.81 8.14
CA SER A 267 -13.27 -1.76 7.71
C SER A 267 -13.80 -0.99 8.91
N ASP A 268 -14.74 -0.08 8.65
CA ASP A 268 -15.35 0.70 9.71
C ASP A 268 -15.98 -0.28 10.68
N ARG A 269 -16.09 -1.53 10.25
CA ARG A 269 -16.60 -2.60 11.08
C ARG A 269 -15.94 -3.94 10.88
N PRO A 270 -14.94 -4.24 11.72
CA PRO A 270 -14.17 -5.49 11.70
C PRO A 270 -15.10 -6.68 11.58
N THR A 271 -14.70 -7.67 10.82
CA THR A 271 -15.53 -8.85 10.62
C THR A 271 -14.64 -10.04 10.30
N VAL A 272 -14.92 -11.16 10.96
CA VAL A 272 -14.18 -12.40 10.74
C VAL A 272 -15.05 -13.37 9.96
N ILE A 273 -14.51 -13.91 8.88
CA ILE A 273 -15.26 -14.85 8.04
C ILE A 273 -14.80 -16.28 8.30
N TYR A 274 -15.72 -17.15 8.67
CA TYR A 274 -15.37 -18.55 8.89
C TYR A 274 -16.43 -19.49 8.35
N SER A 275 -16.42 -20.74 8.79
CA SER A 275 -17.37 -21.71 8.29
C SER A 275 -17.63 -22.82 9.31
N SER A 276 -18.88 -22.96 9.73
CA SER A 276 -19.26 -23.99 10.69
C SER A 276 -19.63 -25.27 9.94
N ASN A 277 -20.77 -25.23 9.27
CA ASN A 277 -21.22 -26.37 8.47
C ASN A 277 -20.56 -26.14 7.12
N HIS A 278 -21.37 -25.97 6.08
CA HIS A 278 -20.83 -25.72 4.75
C HIS A 278 -21.38 -24.40 4.23
N LYS A 279 -21.47 -23.43 5.13
CA LYS A 279 -21.98 -22.10 4.83
C LYS A 279 -21.24 -21.05 5.66
N LEU A 280 -20.91 -19.93 5.02
CA LEU A 280 -20.18 -18.86 5.69
C LEU A 280 -20.90 -18.23 6.87
N VAL A 281 -20.13 -17.55 7.71
CA VAL A 281 -20.66 -16.84 8.87
C VAL A 281 -19.84 -15.57 9.01
N PHE A 282 -20.53 -14.44 9.14
CA PHE A 282 -19.88 -13.14 9.27
C PHE A 282 -20.00 -12.56 10.66
N SER A 283 -19.10 -12.99 11.54
CA SER A 283 -19.12 -12.52 12.91
C SER A 283 -18.55 -11.11 13.03
N ASN A 284 -19.07 -10.34 13.97
CA ASN A 284 -18.61 -8.98 14.20
C ASN A 284 -17.52 -8.94 15.28
N VAL A 285 -16.44 -8.23 15.00
CA VAL A 285 -15.34 -8.10 15.95
C VAL A 285 -15.63 -6.86 16.82
N ASN A 286 -15.58 -7.01 18.14
CA ASN A 286 -15.87 -5.88 19.04
C ASN A 286 -14.68 -4.93 19.22
N LEU A 287 -14.48 -4.05 18.23
CA LEU A 287 -13.39 -3.09 18.25
C LEU A 287 -13.85 -1.86 17.46
N LYS A 288 -13.42 -0.67 17.87
CA LYS A 288 -13.84 0.54 17.17
C LYS A 288 -13.74 0.33 15.65
N GLU A 289 -12.53 0.13 15.15
CA GLU A 289 -12.32 -0.09 13.72
C GLU A 289 -10.93 -0.69 13.52
N VAL A 290 -10.79 -1.52 12.49
CA VAL A 290 -9.50 -2.13 12.21
C VAL A 290 -9.16 -1.85 10.76
N ASN A 291 -8.11 -1.08 10.56
CA ASN A 291 -7.66 -0.68 9.24
C ASN A 291 -6.71 -1.66 8.54
N TYR A 292 -5.80 -2.26 9.30
CA TYR A 292 -4.84 -3.22 8.77
C TYR A 292 -4.57 -4.33 9.78
N MET A 293 -4.31 -5.54 9.29
CA MET A 293 -4.02 -6.64 10.20
C MET A 293 -3.28 -7.78 9.54
N CYS A 294 -2.65 -8.60 10.36
CA CYS A 294 -1.92 -9.75 9.88
C CYS A 294 -1.86 -10.76 11.00
N PRO A 295 -1.61 -12.03 10.68
CA PRO A 295 -1.51 -13.09 11.68
C PRO A 295 -0.17 -12.88 12.36
N LEU A 296 0.02 -13.42 13.56
CA LEU A 296 1.31 -13.26 14.23
C LEU A 296 1.64 -14.39 15.19
N ASN A 297 2.35 -15.40 14.68
CA ASN A 297 2.75 -16.56 15.47
C ASN A 297 4.18 -16.40 15.98
N SER A 298 4.32 -15.93 17.22
CA SER A 298 5.63 -15.71 17.81
C SER A 298 5.72 -16.28 19.21
N ASP A 299 6.94 -16.47 19.69
CA ASP A 299 7.15 -16.98 21.04
C ASP A 299 6.60 -15.98 22.04
N GLY A 300 6.63 -14.71 21.67
CA GLY A 300 6.10 -13.67 22.55
C GLY A 300 4.60 -13.79 22.68
N TYR A 301 3.95 -14.19 21.59
CA TYR A 301 2.50 -14.37 21.56
C TYR A 301 2.15 -15.34 20.43
N PRO A 302 1.73 -16.59 20.81
CA PRO A 302 1.56 -17.83 19.91
C PRO A 302 0.99 -17.96 18.45
N ASP A 303 -0.17 -17.53 18.21
CA ASP A 303 -0.98 -17.52 17.05
C ASP A 303 -1.64 -16.39 17.73
N SER A 304 -1.56 -15.23 17.20
CA SER A 304 -2.21 -14.14 17.83
C SER A 304 -2.52 -13.34 16.57
N LEU A 305 -2.54 -12.05 16.70
CA LEU A 305 -2.85 -11.19 15.57
C LEU A 305 -2.32 -9.79 15.85
N ALA A 306 -2.15 -9.02 14.78
CA ALA A 306 -1.68 -7.65 14.92
C ALA A 306 -2.70 -6.74 14.24
N LEU A 307 -3.48 -6.00 15.03
CA LEU A 307 -4.47 -5.10 14.47
C LEU A 307 -3.95 -3.68 14.60
N ALA A 308 -3.96 -2.95 13.49
CA ALA A 308 -3.50 -1.58 13.46
C ALA A 308 -4.69 -0.66 13.25
N ASN A 309 -4.78 0.37 14.09
CA ASN A 309 -5.88 1.33 14.02
C ASN A 309 -5.39 2.56 13.25
N ASN A 310 -5.81 3.74 13.70
CA ASN A 310 -5.41 4.99 13.08
C ASN A 310 -4.14 5.50 13.75
N SER A 311 -4.03 5.22 15.05
CA SER A 311 -2.88 5.65 15.83
C SER A 311 -2.47 4.60 16.86
N THR A 312 -2.82 3.34 16.61
CA THR A 312 -2.49 2.28 17.54
C THR A 312 -2.17 0.95 16.86
N LEU A 313 -1.18 0.24 17.39
CA LEU A 313 -0.81 -1.06 16.87
C LEU A 313 -1.09 -1.99 18.04
N THR A 314 -1.82 -3.06 17.79
CA THR A 314 -2.20 -3.99 18.85
C THR A 314 -1.96 -5.45 18.49
N ILE A 315 -1.63 -6.25 19.50
CA ILE A 315 -1.43 -7.67 19.30
C ILE A 315 -2.34 -8.34 20.30
N GLY A 316 -2.96 -9.44 19.89
CA GLY A 316 -3.86 -10.16 20.75
C GLY A 316 -4.38 -11.40 20.08
N THR A 317 -5.33 -12.08 20.73
CA THR A 317 -5.91 -13.29 20.19
C THR A 317 -7.42 -13.26 20.23
N ILE A 318 -8.04 -14.17 19.52
CA ILE A 318 -9.47 -14.34 19.52
C ILE A 318 -9.71 -15.30 20.66
N ASP A 319 -10.88 -15.34 21.21
CA ASP A 319 -10.93 -16.44 22.06
C ASP A 319 -11.04 -17.56 20.98
N GLU A 320 -11.91 -18.57 21.02
CA GLU A 320 -11.96 -19.62 19.99
C GLU A 320 -13.11 -19.43 18.97
N ILE A 321 -13.58 -20.49 18.32
CA ILE A 321 -14.70 -20.40 17.34
C ILE A 321 -15.98 -19.94 18.05
N GLY B 1 -17.21 -6.32 26.13
CA GLY B 1 -17.16 -5.88 24.71
C GLY B 1 -17.56 -4.42 24.59
N SER B 2 -17.12 -3.75 23.54
CA SER B 2 -17.46 -2.34 23.41
C SER B 2 -18.23 -1.99 22.14
N HIS B 3 -17.70 -2.35 20.98
CA HIS B 3 -18.39 -2.02 19.74
C HIS B 3 -19.14 -3.20 19.17
N MET B 4 -20.11 -3.65 19.95
CA MET B 4 -20.93 -4.78 19.59
C MET B 4 -21.85 -4.42 18.44
N ARG B 5 -22.23 -5.44 17.67
CA ARG B 5 -23.12 -5.26 16.54
C ARG B 5 -23.67 -6.59 16.13
N ASN B 6 -24.98 -6.74 16.21
CA ASN B 6 -25.56 -7.98 15.79
C ASN B 6 -26.75 -7.65 14.91
N GLY B 7 -26.45 -7.43 13.64
CA GLY B 7 -27.50 -7.13 12.72
C GLY B 7 -27.82 -8.39 11.95
N ILE B 8 -29.03 -8.41 11.41
CA ILE B 8 -29.50 -9.49 10.59
C ILE B 8 -29.22 -8.91 9.21
N GLY B 9 -28.33 -9.57 8.47
CA GLY B 9 -27.98 -9.08 7.15
C GLY B 9 -28.49 -10.00 6.08
N ILE B 10 -28.52 -9.54 4.84
CA ILE B 10 -29.02 -10.38 3.78
C ILE B 10 -27.93 -10.66 2.75
N HIS B 11 -27.87 -11.90 2.28
CA HIS B 11 -26.90 -12.30 1.27
C HIS B 11 -27.64 -12.20 -0.07
N GLU B 12 -27.33 -11.17 -0.84
CA GLU B 12 -28.00 -10.97 -2.13
C GLU B 12 -27.56 -11.96 -3.20
N HIS B 13 -28.53 -12.51 -3.94
CA HIS B 13 -28.21 -13.41 -5.04
C HIS B 13 -28.39 -12.56 -6.30
N ALA B 14 -29.20 -11.50 -6.17
CA ALA B 14 -29.46 -10.61 -7.29
C ALA B 14 -30.17 -9.34 -6.88
N SER B 15 -30.02 -8.34 -7.72
CA SER B 15 -30.63 -7.03 -7.54
C SER B 15 -31.06 -6.57 -8.93
N ILE B 16 -32.20 -5.91 -9.02
CA ILE B 16 -32.69 -5.45 -10.30
C ILE B 16 -33.27 -4.05 -10.11
N ASP B 17 -33.26 -3.24 -11.16
CA ASP B 17 -33.79 -1.88 -11.07
C ASP B 17 -35.28 -1.85 -11.39
N LEU B 18 -36.11 -1.77 -10.34
CA LEU B 18 -37.56 -1.76 -10.50
C LEU B 18 -38.26 -0.68 -9.68
N PRO B 19 -38.42 0.51 -10.26
CA PRO B 19 -39.09 1.59 -9.52
C PRO B 19 -40.56 1.23 -9.29
N GLY B 20 -41.16 1.83 -8.27
CA GLY B 20 -42.57 1.62 -7.97
C GLY B 20 -43.24 0.27 -7.80
N ILE B 21 -42.61 -0.66 -7.08
CA ILE B 21 -43.22 -1.97 -6.85
C ILE B 21 -44.24 -1.80 -5.70
N LYS B 22 -45.45 -2.35 -5.85
CA LYS B 22 -46.45 -2.21 -4.80
C LYS B 22 -46.71 -3.49 -4.01
N GLY B 23 -46.03 -4.55 -4.40
CA GLY B 23 -46.21 -5.82 -3.71
C GLY B 23 -45.68 -6.93 -4.59
N LEU B 24 -45.35 -8.07 -3.98
CA LEU B 24 -44.86 -9.20 -4.75
C LEU B 24 -45.30 -10.51 -4.12
N TRP B 25 -45.60 -11.49 -4.96
CA TRP B 25 -46.08 -12.79 -4.50
C TRP B 25 -45.45 -13.96 -5.26
N PRO B 26 -44.92 -14.95 -4.54
CA PRO B 26 -44.29 -16.12 -5.14
C PRO B 26 -45.36 -16.99 -5.78
N LEU B 27 -45.02 -17.70 -6.86
CA LEU B 27 -46.00 -18.55 -7.52
C LEU B 27 -45.44 -19.91 -7.95
N ARG B 28 -46.28 -20.92 -7.83
CA ARG B 28 -45.94 -22.28 -8.20
C ARG B 28 -46.85 -22.58 -9.39
N SER B 29 -46.43 -22.10 -10.56
CA SER B 29 -47.18 -22.23 -11.81
C SER B 29 -47.28 -23.61 -12.46
N ASP B 30 -46.30 -24.50 -12.28
CA ASP B 30 -46.25 -25.90 -12.89
C ASP B 30 -46.53 -26.94 -11.82
N PRO B 31 -47.75 -27.54 -11.89
CA PRO B 31 -48.35 -28.39 -10.77
C PRO B 31 -47.80 -29.57 -10.01
N ASN B 32 -46.70 -30.13 -10.47
CA ASN B 32 -46.04 -31.28 -9.86
C ASN B 32 -44.81 -30.80 -9.15
N ARG B 33 -44.45 -29.59 -9.50
CA ARG B 33 -43.28 -28.95 -8.94
C ARG B 33 -43.53 -28.24 -7.62
N GLU B 34 -42.52 -28.26 -6.75
CA GLU B 34 -42.61 -27.59 -5.46
C GLU B 34 -41.65 -26.44 -5.57
N THR B 35 -41.15 -26.25 -6.79
CA THR B 35 -40.27 -25.17 -7.07
C THR B 35 -41.33 -24.10 -7.26
N TYR B 36 -41.01 -22.86 -6.93
CA TYR B 36 -41.97 -21.80 -7.14
C TYR B 36 -41.28 -21.09 -8.32
N ASP B 37 -41.87 -21.26 -9.49
CA ASP B 37 -41.35 -20.77 -10.77
C ASP B 37 -41.79 -19.39 -11.25
N THR B 38 -42.49 -18.65 -10.43
CA THR B 38 -42.95 -17.36 -10.88
C THR B 38 -42.94 -16.35 -9.77
N LEU B 39 -42.69 -15.10 -10.11
CA LEU B 39 -42.71 -14.03 -9.13
C LEU B 39 -43.66 -13.01 -9.73
N VAL B 40 -44.65 -12.60 -8.94
CA VAL B 40 -45.63 -11.63 -9.41
C VAL B 40 -45.47 -10.31 -8.71
N LEU B 41 -45.28 -9.26 -9.51
CA LEU B 41 -45.09 -7.91 -8.99
C LEU B 41 -46.19 -6.97 -9.45
N SER B 42 -46.56 -6.03 -8.59
CA SER B 42 -47.61 -5.09 -8.96
C SER B 42 -47.06 -3.66 -8.94
N PHE B 43 -47.61 -2.82 -9.81
CA PHE B 43 -47.21 -1.43 -9.89
C PHE B 43 -48.46 -0.57 -9.85
N VAL B 44 -48.27 0.74 -9.73
CA VAL B 44 -49.35 1.71 -9.64
C VAL B 44 -50.71 1.22 -10.12
N GLY B 45 -50.77 0.72 -11.34
CA GLY B 45 -52.04 0.23 -11.84
C GLY B 45 -51.86 -0.92 -12.81
N GLN B 46 -50.76 -1.65 -12.66
CA GLN B 46 -50.45 -2.78 -13.53
C GLN B 46 -49.94 -3.95 -12.70
N THR B 47 -49.68 -5.06 -13.39
CA THR B 47 -49.15 -6.25 -12.76
C THR B 47 -48.18 -6.87 -13.77
N ARG B 48 -47.10 -7.42 -13.27
CA ARG B 48 -46.13 -8.06 -14.14
C ARG B 48 -45.78 -9.42 -13.56
N VAL B 49 -45.48 -10.35 -14.44
CA VAL B 49 -45.15 -11.71 -14.03
C VAL B 49 -43.75 -12.06 -14.50
N LEU B 50 -42.91 -12.48 -13.56
CA LEU B 50 -41.56 -12.85 -13.90
C LEU B 50 -41.40 -14.36 -13.85
N MET B 51 -40.97 -14.92 -14.98
CA MET B 51 -40.76 -16.35 -15.11
C MET B 51 -39.38 -16.65 -14.53
N LEU B 52 -39.34 -17.26 -13.35
CA LEU B 52 -38.06 -17.60 -12.74
C LEU B 52 -37.56 -18.84 -13.47
N ASN B 53 -36.52 -18.68 -14.26
CA ASN B 53 -35.93 -19.79 -15.01
C ASN B 53 -34.42 -19.77 -14.76
N GLY B 54 -33.92 -20.75 -14.03
CA GLY B 54 -32.51 -20.79 -13.72
C GLY B 54 -32.26 -19.57 -12.86
N GLU B 55 -31.34 -18.71 -13.29
CA GLU B 55 -31.06 -17.50 -12.56
C GLU B 55 -31.68 -16.34 -13.34
N GLU B 56 -32.02 -16.62 -14.60
CA GLU B 56 -32.63 -15.62 -15.47
C GLU B 56 -34.03 -15.28 -15.00
N VAL B 57 -34.28 -13.98 -14.85
CA VAL B 57 -35.57 -13.49 -14.38
C VAL B 57 -36.37 -12.80 -15.49
N GLU B 58 -36.54 -13.50 -16.62
CA GLU B 58 -37.29 -12.97 -17.75
C GLU B 58 -38.76 -12.78 -17.37
N GLU B 59 -39.49 -11.99 -18.15
CA GLU B 59 -40.90 -11.76 -17.88
C GLU B 59 -41.77 -12.44 -18.92
N THR B 60 -42.97 -12.85 -18.52
CA THR B 60 -43.90 -13.51 -19.42
C THR B 60 -45.32 -13.12 -19.05
N GLU B 61 -46.29 -13.87 -19.55
CA GLU B 61 -47.68 -13.62 -19.23
C GLU B 61 -48.27 -14.88 -18.59
N LEU B 62 -49.51 -14.80 -18.12
CA LEU B 62 -50.15 -15.94 -17.47
C LEU B 62 -51.64 -15.85 -17.77
N MET B 63 -52.06 -16.57 -18.81
CA MET B 63 -53.45 -16.59 -19.27
C MET B 63 -54.50 -15.88 -18.41
N GLY B 64 -55.13 -16.62 -17.51
CA GLY B 64 -56.17 -16.07 -16.65
C GLY B 64 -55.84 -14.82 -15.86
N PHE B 65 -54.60 -14.36 -15.92
CA PHE B 65 -54.21 -13.17 -15.19
C PHE B 65 -54.33 -11.94 -16.07
N VAL B 66 -54.60 -10.80 -15.44
CA VAL B 66 -54.72 -9.54 -16.14
C VAL B 66 -53.50 -8.72 -15.73
N ASP B 67 -52.96 -7.93 -16.64
CA ASP B 67 -51.81 -7.11 -16.33
C ASP B 67 -52.13 -5.62 -16.32
N ASP B 68 -53.37 -5.27 -16.63
CA ASP B 68 -53.75 -3.85 -16.65
C ASP B 68 -54.48 -3.39 -15.39
N GLN B 69 -54.35 -4.18 -14.33
CA GLN B 69 -54.97 -3.86 -13.05
C GLN B 69 -53.92 -4.12 -11.98
N GLN B 70 -54.06 -3.50 -10.82
CA GLN B 70 -53.10 -3.72 -9.75
C GLN B 70 -53.56 -4.94 -8.96
N THR B 71 -52.63 -5.83 -8.69
CA THR B 71 -52.91 -7.06 -7.94
C THR B 71 -52.71 -6.81 -6.45
N PHE B 72 -53.66 -7.28 -5.63
CA PHE B 72 -53.56 -7.13 -4.18
C PHE B 72 -53.06 -8.43 -3.59
N PHE B 73 -53.13 -9.49 -4.41
CA PHE B 73 -52.68 -10.81 -3.99
C PHE B 73 -52.93 -11.82 -5.09
N CYS B 74 -52.04 -12.79 -5.18
CA CYS B 74 -52.18 -13.88 -6.13
C CYS B 74 -51.48 -15.07 -5.48
N GLY B 75 -51.58 -16.24 -6.07
CA GLY B 75 -50.93 -17.38 -5.46
C GLY B 75 -51.63 -18.68 -5.74
N ASN B 76 -51.06 -19.77 -5.27
CA ASN B 76 -51.67 -21.08 -5.48
C ASN B 76 -52.79 -21.23 -4.47
N VAL B 77 -53.91 -21.78 -4.93
CA VAL B 77 -55.07 -22.01 -4.07
C VAL B 77 -55.41 -23.50 -4.16
N ALA B 78 -56.37 -23.96 -3.37
CA ALA B 78 -56.74 -25.38 -3.30
C ALA B 78 -56.71 -26.28 -4.54
N HIS B 79 -57.89 -26.68 -4.99
CA HIS B 79 -58.07 -27.60 -6.12
C HIS B 79 -57.30 -27.27 -7.39
N GLN B 80 -55.99 -27.51 -7.35
CA GLN B 80 -55.09 -27.26 -8.46
C GLN B 80 -55.46 -25.99 -9.21
N GLN B 81 -55.59 -24.89 -8.47
CA GLN B 81 -55.94 -23.60 -9.08
C GLN B 81 -55.05 -22.45 -8.60
N LEU B 82 -55.10 -21.36 -9.36
CA LEU B 82 -54.33 -20.15 -9.10
C LEU B 82 -55.36 -19.05 -8.88
N ILE B 83 -54.98 -18.00 -8.16
CA ILE B 83 -55.91 -16.91 -7.91
C ILE B 83 -55.19 -15.57 -8.11
N GLN B 84 -55.95 -14.52 -8.41
CA GLN B 84 -55.39 -13.19 -8.58
C GLN B 84 -56.49 -12.21 -8.17
N ILE B 85 -56.20 -11.43 -7.14
CA ILE B 85 -57.17 -10.45 -6.67
C ILE B 85 -56.64 -9.08 -7.10
N THR B 86 -57.46 -8.33 -7.81
CA THR B 86 -57.07 -7.00 -8.26
C THR B 86 -58.06 -6.02 -7.67
N SER B 87 -57.88 -4.75 -7.99
CA SER B 87 -58.77 -3.71 -7.49
C SER B 87 -60.13 -3.81 -8.16
N ALA B 88 -60.21 -4.62 -9.21
CA ALA B 88 -61.46 -4.80 -9.94
C ALA B 88 -62.21 -6.07 -9.57
N SER B 89 -61.49 -7.15 -9.32
CA SER B 89 -62.15 -8.41 -8.98
C SER B 89 -61.18 -9.50 -8.57
N VAL B 90 -61.74 -10.62 -8.15
CA VAL B 90 -60.89 -11.77 -7.79
C VAL B 90 -61.14 -12.78 -8.90
N ARG B 91 -60.04 -13.23 -9.50
CA ARG B 91 -60.07 -14.21 -10.60
C ARG B 91 -59.54 -15.56 -10.13
N LEU B 92 -60.08 -16.62 -10.69
CA LEU B 92 -59.67 -17.97 -10.35
C LEU B 92 -59.18 -18.60 -11.63
N VAL B 93 -57.96 -19.12 -11.61
CA VAL B 93 -57.40 -19.71 -12.82
C VAL B 93 -57.06 -21.18 -12.61
N SER B 94 -57.36 -22.01 -13.59
CA SER B 94 -57.05 -23.42 -13.48
C SER B 94 -55.56 -23.65 -13.76
N GLN B 95 -54.99 -24.66 -13.10
CA GLN B 95 -53.57 -24.96 -13.26
C GLN B 95 -53.21 -25.54 -14.64
N GLU B 96 -53.76 -26.70 -15.02
CA GLU B 96 -53.40 -27.25 -16.32
C GLU B 96 -54.03 -26.44 -17.45
N PRO B 97 -55.13 -26.84 -18.09
CA PRO B 97 -55.34 -25.74 -19.03
C PRO B 97 -55.32 -24.43 -18.25
N LYS B 98 -54.39 -23.55 -18.61
CA LYS B 98 -54.25 -22.28 -17.94
C LYS B 98 -55.43 -21.45 -18.42
N ALA B 99 -56.41 -21.26 -17.55
CA ALA B 99 -57.58 -20.51 -17.96
C ALA B 99 -58.41 -19.97 -16.82
N LEU B 100 -59.13 -18.91 -17.15
CA LEU B 100 -60.03 -18.25 -16.23
C LEU B 100 -61.19 -19.21 -16.02
N VAL B 101 -61.47 -19.55 -14.77
CA VAL B 101 -62.57 -20.48 -14.49
C VAL B 101 -63.64 -19.96 -13.54
N SER B 102 -63.42 -18.77 -12.99
CA SER B 102 -64.39 -18.13 -12.10
C SER B 102 -63.89 -16.71 -11.91
N GLU B 103 -64.81 -15.77 -11.72
CA GLU B 103 -64.47 -14.38 -11.52
C GLU B 103 -65.55 -13.70 -10.70
N TRP B 104 -65.15 -13.08 -9.60
CA TRP B 104 -66.10 -12.41 -8.72
C TRP B 104 -65.91 -10.90 -8.73
N LYS B 105 -67.00 -10.18 -8.95
CA LYS B 105 -66.98 -8.72 -8.92
C LYS B 105 -68.07 -8.37 -7.91
N GLU B 106 -68.03 -7.16 -7.38
CA GLU B 106 -69.01 -6.69 -6.41
C GLU B 106 -70.37 -6.55 -7.09
N PRO B 107 -71.46 -6.56 -6.31
CA PRO B 107 -72.80 -6.43 -6.91
C PRO B 107 -72.95 -5.24 -7.85
N GLN B 108 -72.49 -4.06 -7.42
CA GLN B 108 -72.60 -2.87 -8.25
C GLN B 108 -71.29 -2.44 -8.92
N ALA B 109 -70.39 -3.42 -9.08
CA ALA B 109 -69.10 -3.21 -9.74
C ALA B 109 -68.09 -2.31 -9.05
N LYS B 110 -68.30 -2.00 -7.78
CA LYS B 110 -67.33 -1.15 -7.08
C LYS B 110 -65.96 -1.83 -7.00
N ASN B 111 -64.90 -1.04 -6.88
CA ASN B 111 -63.55 -1.59 -6.80
C ASN B 111 -63.25 -2.13 -5.40
N ILE B 112 -62.40 -3.16 -5.34
CA ILE B 112 -62.03 -3.75 -4.07
C ILE B 112 -61.10 -2.82 -3.29
N SER B 113 -61.32 -2.75 -1.98
CA SER B 113 -60.52 -1.90 -1.09
C SER B 113 -59.36 -2.67 -0.50
N VAL B 114 -59.70 -3.69 0.27
CA VAL B 114 -58.69 -4.51 0.92
C VAL B 114 -58.93 -5.95 0.53
N ALA B 115 -57.92 -6.79 0.75
CA ALA B 115 -58.03 -8.19 0.38
C ALA B 115 -57.15 -9.12 1.19
N SER B 116 -57.73 -10.23 1.63
CA SER B 116 -57.02 -11.24 2.41
C SER B 116 -57.29 -12.60 1.77
N CYS B 117 -56.33 -13.51 1.87
CA CYS B 117 -56.52 -14.80 1.23
C CYS B 117 -55.59 -15.92 1.73
N ASN B 118 -56.10 -17.14 1.69
CA ASN B 118 -55.30 -18.30 2.07
C ASN B 118 -55.58 -19.30 0.96
N SER B 119 -55.38 -20.59 1.22
CA SER B 119 -55.58 -21.60 0.20
C SER B 119 -57.02 -21.93 -0.19
N SER B 120 -57.97 -21.65 0.69
CA SER B 120 -59.37 -22.00 0.42
C SER B 120 -60.40 -20.91 0.70
N GLN B 121 -60.00 -19.87 1.42
CA GLN B 121 -60.92 -18.79 1.74
C GLN B 121 -60.41 -17.46 1.19
N VAL B 122 -61.33 -16.53 1.04
CA VAL B 122 -61.05 -15.21 0.52
C VAL B 122 -61.96 -14.23 1.23
N VAL B 123 -61.37 -13.18 1.80
CA VAL B 123 -62.17 -12.18 2.46
C VAL B 123 -61.68 -10.87 1.87
N VAL B 124 -62.59 -10.12 1.27
CA VAL B 124 -62.27 -8.85 0.65
C VAL B 124 -63.19 -7.77 1.18
N ALA B 125 -62.73 -6.54 1.13
CA ALA B 125 -63.53 -5.44 1.61
C ALA B 125 -63.72 -4.43 0.51
N VAL B 126 -64.92 -3.85 0.47
CA VAL B 126 -65.26 -2.81 -0.49
C VAL B 126 -65.71 -1.64 0.36
N GLY B 127 -64.77 -0.78 0.72
CA GLY B 127 -65.09 0.38 1.54
C GLY B 127 -66.20 0.13 2.55
N ARG B 128 -65.89 -0.59 3.62
CA ARG B 128 -66.83 -0.89 4.68
C ARG B 128 -67.59 -2.23 4.53
N ALA B 129 -67.69 -2.76 3.32
CA ALA B 129 -68.37 -4.05 3.10
C ALA B 129 -67.36 -5.19 3.09
N LEU B 130 -67.78 -6.34 3.63
CA LEU B 130 -66.94 -7.53 3.72
C LEU B 130 -67.57 -8.75 3.03
N TYR B 131 -66.78 -9.48 2.26
CA TYR B 131 -67.28 -10.68 1.57
C TYR B 131 -66.44 -11.94 1.80
N TYR B 132 -67.10 -13.00 2.27
CA TYR B 132 -66.42 -14.27 2.51
C TYR B 132 -66.64 -15.14 1.27
N LEU B 133 -65.54 -15.61 0.66
CA LEU B 133 -65.62 -16.47 -0.52
C LEU B 133 -64.82 -17.73 -0.25
N GLN B 134 -65.24 -18.85 -0.86
CA GLN B 134 -64.52 -20.11 -0.70
C GLN B 134 -64.06 -20.53 -2.10
N ILE B 135 -62.87 -21.14 -2.17
CA ILE B 135 -62.31 -21.61 -3.43
C ILE B 135 -62.84 -23.03 -3.65
N HIS B 136 -63.31 -23.32 -4.85
CA HIS B 136 -63.83 -24.66 -5.15
C HIS B 136 -63.47 -24.99 -6.58
N PRO B 137 -63.72 -26.24 -7.00
CA PRO B 137 -63.37 -26.55 -8.37
C PRO B 137 -64.15 -25.67 -9.34
N GLN B 138 -63.43 -24.78 -10.01
CA GLN B 138 -63.99 -23.86 -11.00
C GLN B 138 -64.99 -22.82 -10.48
N GLU B 139 -64.87 -22.38 -9.23
CA GLU B 139 -65.78 -21.35 -8.73
C GLU B 139 -65.56 -20.75 -7.34
N LEU B 140 -65.68 -19.43 -7.29
CA LEU B 140 -65.55 -18.65 -6.04
C LEU B 140 -66.95 -18.55 -5.48
N ARG B 141 -67.23 -19.30 -4.42
CA ARG B 141 -68.55 -19.32 -3.82
C ARG B 141 -68.73 -18.26 -2.74
N GLN B 142 -69.61 -17.30 -2.98
CA GLN B 142 -69.84 -16.27 -1.97
C GLN B 142 -70.57 -16.92 -0.81
N ILE B 143 -69.95 -16.91 0.36
CA ILE B 143 -70.54 -17.51 1.54
C ILE B 143 -71.31 -16.50 2.39
N SER B 144 -70.77 -15.30 2.55
CA SER B 144 -71.44 -14.29 3.35
C SER B 144 -70.97 -12.88 3.08
N HIS B 145 -71.68 -11.93 3.69
CA HIS B 145 -71.40 -10.51 3.49
C HIS B 145 -71.95 -9.71 4.68
N THR B 146 -71.21 -8.71 5.13
CA THR B 146 -71.65 -7.88 6.23
C THR B 146 -71.26 -6.44 5.97
N GLU B 147 -71.75 -5.53 6.80
CA GLU B 147 -71.37 -4.13 6.67
C GLU B 147 -70.82 -3.74 8.02
N MET B 148 -69.53 -3.42 8.04
CA MET B 148 -68.87 -3.03 9.26
C MET B 148 -69.27 -1.60 9.61
N GLU B 149 -69.09 -1.22 10.87
CA GLU B 149 -69.46 0.11 11.34
C GLU B 149 -68.59 1.22 10.74
N HIS B 150 -67.45 0.85 10.18
CA HIS B 150 -66.54 1.84 9.62
C HIS B 150 -65.77 1.27 8.42
N GLU B 151 -65.01 2.13 7.74
CA GLU B 151 -64.20 1.71 6.60
C GLU B 151 -63.18 0.72 7.13
N VAL B 152 -62.94 -0.35 6.37
CA VAL B 152 -61.98 -1.39 6.74
C VAL B 152 -60.59 -0.92 6.31
N ALA B 153 -59.59 -1.09 7.18
CA ALA B 153 -58.24 -0.69 6.85
C ALA B 153 -57.34 -1.86 6.46
N CYS B 154 -57.62 -3.04 7.00
CA CYS B 154 -56.82 -4.22 6.71
C CYS B 154 -57.50 -5.54 7.02
N LEU B 155 -56.93 -6.65 6.55
CA LEU B 155 -57.53 -7.95 6.77
C LEU B 155 -56.57 -9.12 6.73
N ASP B 156 -56.77 -10.06 7.64
CA ASP B 156 -55.96 -11.26 7.66
C ASP B 156 -56.82 -12.44 8.07
N ILE B 157 -56.66 -13.54 7.35
CA ILE B 157 -57.41 -14.77 7.60
C ILE B 157 -56.48 -15.98 7.57
N THR B 158 -55.23 -15.79 7.99
CA THR B 158 -54.27 -16.89 8.02
C THR B 158 -54.73 -17.93 9.04
N PRO B 159 -54.93 -19.18 8.58
CA PRO B 159 -55.38 -20.32 9.39
C PRO B 159 -54.34 -20.75 10.41
N LEU B 160 -54.67 -20.56 11.68
CA LEU B 160 -53.73 -20.91 12.75
C LEU B 160 -53.90 -22.31 13.30
N GLY B 161 -52.83 -22.84 13.88
CA GLY B 161 -52.85 -24.16 14.47
C GLY B 161 -53.35 -25.31 13.63
N ASP B 162 -53.52 -26.44 14.31
CA ASP B 162 -53.96 -27.70 13.73
C ASP B 162 -55.26 -27.69 12.91
N SER B 163 -55.49 -26.63 12.15
CA SER B 163 -56.68 -26.53 11.30
C SER B 163 -56.25 -27.10 9.96
N ASN B 164 -57.19 -27.30 9.04
CA ASN B 164 -56.84 -27.86 7.74
C ASN B 164 -56.81 -26.79 6.65
N GLY B 165 -56.17 -25.67 6.96
CA GLY B 165 -56.08 -24.58 6.00
C GLY B 165 -57.34 -23.77 5.93
N LEU B 166 -58.32 -24.10 6.77
CA LEU B 166 -59.58 -23.38 6.79
C LEU B 166 -59.67 -22.57 8.08
N SER B 167 -59.63 -21.26 7.96
CA SER B 167 -59.68 -20.36 9.11
C SER B 167 -61.09 -20.02 9.61
N PRO B 168 -61.32 -20.17 10.92
CA PRO B 168 -62.57 -19.89 11.64
C PRO B 168 -62.60 -18.43 12.06
N LEU B 169 -61.44 -17.80 12.00
CA LEU B 169 -61.31 -16.41 12.42
C LEU B 169 -60.94 -15.45 11.31
N CYS B 170 -61.23 -14.19 11.56
CA CYS B 170 -60.93 -13.12 10.64
C CYS B 170 -60.52 -11.91 11.46
N ALA B 171 -59.26 -11.52 11.35
CA ALA B 171 -58.75 -10.36 12.09
C ALA B 171 -58.99 -9.12 11.23
N ILE B 172 -59.36 -8.01 11.85
CA ILE B 172 -59.65 -6.81 11.07
C ILE B 172 -59.44 -5.48 11.82
N GLY B 173 -59.02 -4.46 11.07
CA GLY B 173 -58.81 -3.16 11.66
C GLY B 173 -59.69 -2.12 11.00
N LEU B 174 -60.19 -1.17 11.78
CA LEU B 174 -61.05 -0.15 11.22
C LEU B 174 -60.52 1.28 11.29
N TRP B 175 -60.98 2.06 10.32
CA TRP B 175 -60.63 3.46 10.08
C TRP B 175 -61.10 4.58 11.01
N THR B 176 -62.21 4.41 11.70
CA THR B 176 -62.67 5.52 12.50
C THR B 176 -62.59 5.40 13.99
N ASP B 177 -62.78 4.18 14.50
CA ASP B 177 -62.68 4.00 15.93
C ASP B 177 -61.33 3.38 16.25
N ILE B 178 -60.46 3.33 15.24
CA ILE B 178 -59.12 2.76 15.37
C ILE B 178 -59.20 1.53 16.24
N SER B 179 -59.68 0.43 15.65
CA SER B 179 -59.82 -0.80 16.41
C SER B 179 -59.44 -2.02 15.63
N ALA B 180 -59.13 -3.06 16.37
CA ALA B 180 -58.78 -4.34 15.79
C ALA B 180 -59.88 -5.22 16.37
N ARG B 181 -60.53 -5.98 15.50
CA ARG B 181 -61.60 -6.87 15.95
C ARG B 181 -61.42 -8.27 15.39
N ILE B 182 -61.81 -9.27 16.18
CA ILE B 182 -61.74 -10.66 15.75
C ILE B 182 -63.15 -11.11 15.43
N LEU B 183 -63.34 -11.69 14.25
CA LEU B 183 -64.67 -12.12 13.83
C LEU B 183 -64.71 -13.59 13.42
N LYS B 184 -65.80 -14.27 13.75
CA LYS B 184 -65.97 -15.67 13.36
C LYS B 184 -66.16 -15.60 11.85
N LEU B 185 -65.26 -16.21 11.08
CA LEU B 185 -65.34 -16.13 9.63
C LEU B 185 -66.67 -16.41 8.96
N PRO B 186 -67.42 -17.41 9.43
CA PRO B 186 -68.68 -17.60 8.72
C PRO B 186 -69.63 -16.41 8.84
N SER B 187 -70.12 -16.14 10.03
CA SER B 187 -71.06 -15.05 10.25
C SER B 187 -70.48 -13.64 10.33
N PHE B 188 -69.19 -13.53 10.67
CA PHE B 188 -68.53 -12.23 10.82
C PHE B 188 -68.92 -11.63 12.16
N GLU B 189 -69.42 -12.47 13.06
CA GLU B 189 -69.83 -11.97 14.37
C GLU B 189 -68.62 -11.54 15.17
N LEU B 190 -68.80 -10.46 15.91
CA LEU B 190 -67.76 -9.90 16.74
C LEU B 190 -67.36 -10.85 17.85
N LEU B 191 -66.12 -11.30 17.86
CA LEU B 191 -65.67 -12.17 18.92
C LEU B 191 -64.85 -11.33 19.91
N HIS B 192 -64.43 -10.14 19.50
CA HIS B 192 -63.63 -9.27 20.35
C HIS B 192 -63.22 -7.95 19.67
N LYS B 193 -63.48 -6.82 20.31
CA LYS B 193 -63.08 -5.54 19.73
C LYS B 193 -62.09 -4.83 20.64
N GLU B 194 -60.84 -4.80 20.19
CA GLU B 194 -59.77 -4.17 20.93
C GLU B 194 -59.70 -2.71 20.47
N MET B 195 -59.81 -1.79 21.42
CA MET B 195 -59.74 -0.39 21.07
C MET B 195 -58.28 0.02 21.19
N LEU B 196 -57.47 -0.45 20.24
CA LEU B 196 -56.05 -0.12 20.24
C LEU B 196 -55.90 1.16 19.46
N GLY B 197 -56.09 2.31 20.09
CA GLY B 197 -55.94 3.49 19.27
C GLY B 197 -55.81 4.89 19.80
N GLY B 198 -55.15 5.70 18.98
CA GLY B 198 -54.94 7.10 19.28
C GLY B 198 -55.54 7.89 18.14
N GLU B 199 -54.72 8.19 17.13
CA GLU B 199 -55.19 8.97 15.99
C GLU B 199 -54.82 8.34 14.65
N ILE B 200 -53.96 7.34 14.67
CA ILE B 200 -53.49 6.67 13.46
C ILE B 200 -54.17 5.32 13.25
N ILE B 201 -54.45 4.97 12.00
CA ILE B 201 -55.13 3.70 11.74
C ILE B 201 -54.26 2.51 11.44
N PRO B 202 -54.75 1.30 11.78
CA PRO B 202 -54.03 0.05 11.57
C PRO B 202 -53.85 -0.08 10.06
N ARG B 203 -52.68 -0.49 9.61
CA ARG B 203 -52.47 -0.64 8.19
C ARG B 203 -52.01 -2.04 7.83
N SER B 204 -51.75 -2.84 8.85
CA SER B 204 -51.33 -4.21 8.66
C SER B 204 -51.77 -4.96 9.91
N ILE B 205 -52.34 -6.14 9.71
CA ILE B 205 -52.83 -6.94 10.83
C ILE B 205 -52.50 -8.38 10.51
N LEU B 206 -52.32 -9.21 11.53
CA LEU B 206 -51.93 -10.57 11.21
C LEU B 206 -52.02 -11.50 12.40
N MET B 207 -52.42 -12.73 12.12
CA MET B 207 -52.51 -13.76 13.15
C MET B 207 -51.38 -14.77 12.86
N THR B 208 -50.44 -14.92 13.79
CA THR B 208 -49.36 -15.88 13.60
C THR B 208 -49.17 -16.82 14.77
N THR B 209 -48.27 -17.78 14.57
CA THR B 209 -47.92 -18.80 15.58
C THR B 209 -46.39 -18.71 15.78
N PHE B 210 -45.90 -18.50 17.01
CA PHE B 210 -44.45 -18.32 17.15
C PHE B 210 -43.68 -19.61 17.62
N GLU B 211 -43.79 -20.03 18.84
CA GLU B 211 -43.22 -21.31 19.24
C GLU B 211 -44.43 -22.19 19.35
N SER B 212 -45.21 -21.96 20.39
CA SER B 212 -46.43 -22.74 20.58
C SER B 212 -47.62 -21.85 20.87
N SER B 213 -47.46 -20.55 20.67
CA SER B 213 -48.55 -19.62 20.94
C SER B 213 -49.04 -18.82 19.75
N HIS B 214 -50.33 -18.51 19.78
CA HIS B 214 -50.96 -17.74 18.71
C HIS B 214 -51.00 -16.28 19.16
N TYR B 215 -50.70 -15.39 18.23
CA TYR B 215 -50.71 -13.97 18.52
C TYR B 215 -51.44 -13.22 17.44
N LEU B 216 -51.74 -11.98 17.75
CA LEU B 216 -52.39 -11.10 16.81
C LEU B 216 -51.42 -9.93 16.73
N LEU B 217 -50.95 -9.62 15.53
CA LEU B 217 -50.02 -8.51 15.33
C LEU B 217 -50.75 -7.41 14.58
N CYS B 218 -50.63 -6.17 15.06
CA CYS B 218 -51.29 -5.04 14.41
C CYS B 218 -50.36 -3.81 14.29
N ALA B 219 -50.04 -3.43 13.06
CA ALA B 219 -49.15 -2.29 12.82
C ALA B 219 -49.86 -1.02 12.34
N LEU B 220 -49.78 0.04 13.14
CA LEU B 220 -50.40 1.34 12.80
C LEU B 220 -49.53 2.02 11.73
N GLY B 221 -50.06 3.02 11.04
CA GLY B 221 -49.30 3.74 10.03
C GLY B 221 -48.29 4.64 10.70
N ASP B 222 -48.43 4.67 12.02
CA ASP B 222 -47.61 5.44 12.93
C ASP B 222 -46.19 4.90 13.03
N GLY B 223 -46.06 3.59 12.86
CA GLY B 223 -44.77 2.94 12.98
C GLY B 223 -44.84 2.10 14.24
N ALA B 224 -45.93 2.28 15.00
CA ALA B 224 -46.15 1.54 16.24
C ALA B 224 -46.78 0.17 15.96
N LEU B 225 -46.42 -0.82 16.76
CA LEU B 225 -46.95 -2.17 16.59
C LEU B 225 -47.57 -2.71 17.87
N PHE B 226 -48.77 -3.26 17.73
CA PHE B 226 -49.45 -3.86 18.86
C PHE B 226 -49.39 -5.36 18.64
N TYR B 227 -49.41 -6.12 19.72
CA TYR B 227 -49.43 -7.56 19.61
C TYR B 227 -50.03 -8.06 20.90
N PHE B 228 -50.91 -9.04 20.76
CA PHE B 228 -51.64 -9.63 21.89
C PHE B 228 -51.55 -11.13 21.79
N GLY B 229 -51.95 -11.80 22.86
CA GLY B 229 -51.99 -13.24 22.83
C GLY B 229 -53.36 -13.50 22.21
N LEU B 230 -53.44 -14.45 21.29
CA LEU B 230 -54.70 -14.75 20.61
C LEU B 230 -55.20 -16.16 20.90
N ASN B 231 -56.39 -16.26 21.47
CA ASN B 231 -56.97 -17.57 21.76
C ASN B 231 -57.78 -17.92 20.52
N ILE B 232 -57.28 -18.83 19.68
CA ILE B 232 -58.00 -19.17 18.47
C ILE B 232 -59.33 -19.90 18.65
N GLU B 233 -59.70 -20.20 19.91
CA GLU B 233 -60.97 -20.88 20.17
C GLU B 233 -62.07 -19.89 20.49
N THR B 234 -61.82 -19.01 21.45
CA THR B 234 -62.80 -18.01 21.84
C THR B 234 -62.57 -16.71 21.07
N GLY B 235 -61.36 -16.56 20.55
CA GLY B 235 -61.02 -15.36 19.80
C GLY B 235 -60.72 -14.17 20.68
N LEU B 236 -60.36 -14.42 21.93
CA LEU B 236 -60.03 -13.37 22.89
C LEU B 236 -58.58 -12.93 22.71
N LEU B 237 -58.30 -11.65 22.95
CA LEU B 237 -56.94 -11.18 22.85
C LEU B 237 -56.44 -10.94 24.25
N SER B 238 -55.21 -11.38 24.49
CA SER B 238 -54.61 -11.24 25.81
C SER B 238 -53.30 -10.47 25.73
N ASP B 239 -52.78 -10.15 26.92
CA ASP B 239 -51.53 -9.43 27.15
C ASP B 239 -51.11 -8.30 26.21
N ARG B 240 -51.97 -7.29 26.11
CA ARG B 240 -51.72 -6.14 25.25
C ARG B 240 -50.33 -5.55 25.39
N LYS B 241 -49.60 -5.50 24.27
CA LYS B 241 -48.25 -4.94 24.25
C LYS B 241 -48.04 -4.05 23.03
N LYS B 242 -47.46 -2.88 23.28
CA LYS B 242 -47.18 -1.93 22.22
C LYS B 242 -45.69 -1.66 22.16
N VAL B 243 -45.15 -1.66 20.94
CA VAL B 243 -43.74 -1.38 20.72
C VAL B 243 -43.64 -0.44 19.53
N THR B 244 -42.57 0.32 19.46
CA THR B 244 -42.39 1.22 18.33
C THR B 244 -41.22 0.68 17.52
N LEU B 245 -41.43 0.55 16.21
CA LEU B 245 -40.38 0.02 15.34
C LEU B 245 -39.91 1.02 14.31
N GLY B 246 -40.55 2.17 14.25
CA GLY B 246 -40.15 3.15 13.27
C GLY B 246 -41.13 4.30 13.21
N THR B 247 -41.11 5.03 12.10
CA THR B 247 -41.97 6.19 11.93
C THR B 247 -42.91 6.05 10.73
N GLN B 248 -42.55 5.17 9.82
CA GLN B 248 -43.34 4.93 8.62
C GLN B 248 -44.33 3.78 8.84
N PRO B 249 -45.45 3.80 8.11
CA PRO B 249 -46.46 2.73 8.24
C PRO B 249 -45.80 1.40 7.93
N THR B 250 -46.02 0.39 8.77
CA THR B 250 -45.39 -0.92 8.57
C THR B 250 -46.32 -1.96 7.98
N VAL B 251 -45.72 -2.95 7.33
CA VAL B 251 -46.44 -4.06 6.71
C VAL B 251 -45.85 -5.36 7.23
N LEU B 252 -46.69 -6.26 7.74
CA LEU B 252 -46.24 -7.54 8.28
C LEU B 252 -46.47 -8.72 7.34
N ARG B 253 -45.44 -9.53 7.13
CA ARG B 253 -45.55 -10.69 6.26
C ARG B 253 -44.76 -11.82 6.93
N THR B 254 -45.18 -13.07 6.76
CA THR B 254 -44.46 -14.16 7.40
C THR B 254 -43.52 -14.87 6.44
N PHE B 255 -42.57 -15.61 7.00
CA PHE B 255 -41.62 -16.36 6.20
C PHE B 255 -40.97 -17.41 7.08
N ARG B 256 -40.65 -18.56 6.50
CA ARG B 256 -40.01 -19.64 7.25
C ARG B 256 -38.52 -19.58 6.97
N SER B 257 -37.72 -19.57 8.04
CA SER B 257 -36.27 -19.50 7.89
C SER B 257 -35.73 -20.83 7.39
N LEU B 258 -35.00 -21.52 8.27
CA LEU B 258 -34.43 -22.81 7.94
C LEU B 258 -35.18 -23.87 8.72
N SER B 259 -36.23 -23.45 9.42
CA SER B 259 -37.02 -24.38 10.22
C SER B 259 -38.29 -23.72 10.75
N THR B 260 -38.12 -22.76 11.65
CA THR B 260 -39.25 -22.06 12.26
C THR B 260 -39.83 -20.97 11.37
N THR B 261 -40.80 -20.26 11.92
CA THR B 261 -41.47 -19.18 11.20
C THR B 261 -41.26 -17.82 11.86
N ASN B 262 -41.09 -16.80 11.03
CA ASN B 262 -40.89 -15.45 11.53
C ASN B 262 -41.75 -14.44 10.82
N VAL B 263 -41.74 -13.22 11.34
CA VAL B 263 -42.48 -12.14 10.73
C VAL B 263 -41.50 -11.05 10.37
N PHE B 264 -41.68 -10.51 9.16
CA PHE B 264 -40.83 -9.46 8.63
C PHE B 264 -41.66 -8.18 8.55
N ALA B 265 -41.32 -7.21 9.39
CA ALA B 265 -42.01 -5.91 9.42
C ALA B 265 -41.33 -4.97 8.42
N CYS B 266 -42.03 -4.62 7.35
CA CYS B 266 -41.46 -3.74 6.33
C CYS B 266 -41.67 -2.25 6.60
N SER B 267 -40.57 -1.50 6.64
CA SER B 267 -40.62 -0.06 6.85
C SER B 267 -39.25 0.58 6.65
N ASP B 268 -39.05 1.76 7.23
CA ASP B 268 -37.78 2.47 7.13
C ASP B 268 -36.79 1.79 8.05
N ARG B 269 -37.31 1.24 9.16
CA ARG B 269 -36.48 0.54 10.12
C ARG B 269 -36.87 -0.95 10.07
N PRO B 270 -36.40 -1.66 9.03
CA PRO B 270 -36.61 -3.09 8.76
C PRO B 270 -36.43 -3.95 9.99
N THR B 271 -37.35 -4.87 10.24
CA THR B 271 -37.25 -5.70 11.41
C THR B 271 -37.92 -7.06 11.31
N VAL B 272 -37.31 -8.04 11.97
CA VAL B 272 -37.83 -9.39 12.00
C VAL B 272 -38.25 -9.69 13.44
N ILE B 273 -39.41 -10.30 13.60
CA ILE B 273 -39.91 -10.64 14.92
C ILE B 273 -39.73 -12.15 15.14
N TYR B 274 -38.94 -12.49 16.16
CA TYR B 274 -38.67 -13.89 16.51
C TYR B 274 -39.44 -14.20 17.78
N SER B 275 -39.32 -15.44 18.22
CA SER B 275 -39.95 -15.88 19.45
C SER B 275 -38.87 -16.48 20.36
N SER B 276 -38.45 -15.72 21.37
CA SER B 276 -37.41 -16.15 22.31
C SER B 276 -37.82 -17.35 23.16
N ASN B 277 -37.63 -17.26 24.48
CA ASN B 277 -38.01 -18.38 25.33
C ASN B 277 -39.49 -18.65 25.08
N HIS B 278 -40.29 -17.60 25.24
CA HIS B 278 -41.74 -17.67 25.03
C HIS B 278 -42.17 -16.20 25.08
N LYS B 279 -41.29 -15.36 24.55
CA LYS B 279 -41.49 -13.92 24.51
C LYS B 279 -41.05 -13.42 23.14
N LEU B 280 -41.79 -12.47 22.59
CA LEU B 280 -41.43 -11.95 21.28
C LEU B 280 -40.17 -11.09 21.35
N VAL B 281 -39.26 -11.35 20.43
CA VAL B 281 -38.03 -10.60 20.36
C VAL B 281 -37.95 -9.97 18.98
N PHE B 282 -37.39 -8.78 18.91
CA PHE B 282 -37.28 -8.06 17.66
C PHE B 282 -35.83 -7.95 17.24
N SER B 283 -35.62 -7.82 15.94
CA SER B 283 -34.26 -7.70 15.40
C SER B 283 -34.19 -6.80 14.18
N ASN B 284 -33.28 -5.84 14.24
CA ASN B 284 -33.06 -4.91 13.16
C ASN B 284 -32.48 -5.68 12.00
N VAL B 285 -32.76 -5.23 10.79
CA VAL B 285 -32.22 -5.85 9.59
C VAL B 285 -31.32 -4.78 8.99
N ASN B 286 -30.20 -5.18 8.39
CA ASN B 286 -29.30 -4.18 7.84
C ASN B 286 -29.62 -3.78 6.41
N LEU B 287 -30.60 -2.89 6.29
CA LEU B 287 -31.03 -2.38 5.00
C LEU B 287 -31.65 -1.01 5.23
N LYS B 288 -31.65 -0.18 4.19
CA LYS B 288 -32.22 1.15 4.31
C LYS B 288 -33.71 1.02 4.62
N GLU B 289 -34.47 0.61 3.61
CA GLU B 289 -35.90 0.45 3.77
C GLU B 289 -36.41 -0.74 2.97
N VAL B 290 -37.42 -1.42 3.50
CA VAL B 290 -38.04 -2.54 2.81
C VAL B 290 -39.53 -2.21 2.76
N ASN B 291 -40.07 -2.10 1.56
CA ASN B 291 -41.48 -1.78 1.40
C ASN B 291 -42.31 -3.04 1.36
N TYR B 292 -41.84 -4.02 0.60
CA TYR B 292 -42.53 -5.28 0.47
C TYR B 292 -41.52 -6.42 0.49
N MET B 293 -41.99 -7.60 0.88
CA MET B 293 -41.12 -8.76 0.98
C MET B 293 -41.92 -10.05 0.94
N CYS B 294 -41.37 -11.08 0.29
CA CYS B 294 -42.07 -12.36 0.23
C CYS B 294 -41.14 -13.56 0.14
N PRO B 295 -41.54 -14.68 0.76
CA PRO B 295 -40.69 -15.87 0.71
C PRO B 295 -40.57 -16.25 -0.76
N LEU B 296 -39.44 -16.81 -1.14
CA LEU B 296 -39.25 -17.23 -2.52
C LEU B 296 -38.42 -18.49 -2.48
N ASN B 297 -38.86 -19.52 -3.20
CA ASN B 297 -38.15 -20.79 -3.23
C ASN B 297 -38.19 -21.42 -4.62
N SER B 298 -37.28 -21.00 -5.49
CA SER B 298 -37.21 -21.52 -6.86
C SER B 298 -35.90 -22.26 -7.12
N ASP B 299 -35.76 -22.79 -8.32
CA ASP B 299 -34.56 -23.54 -8.71
C ASP B 299 -33.26 -22.77 -8.43
N GLY B 300 -33.13 -21.58 -9.02
CA GLY B 300 -31.93 -20.77 -8.81
C GLY B 300 -31.95 -19.90 -7.58
N TYR B 301 -33.06 -19.96 -6.85
CA TYR B 301 -33.23 -19.17 -5.63
C TYR B 301 -33.95 -20.01 -4.58
N PRO B 302 -33.25 -21.01 -4.02
CA PRO B 302 -33.82 -21.89 -3.00
C PRO B 302 -33.88 -21.17 -1.66
N ASP B 303 -34.89 -21.49 -0.87
CA ASP B 303 -35.09 -20.90 0.45
C ASP B 303 -34.55 -19.48 0.47
N SER B 304 -35.24 -18.59 -0.24
CA SER B 304 -34.80 -17.20 -0.32
C SER B 304 -35.87 -16.21 0.13
N LEU B 305 -35.61 -14.95 -0.18
CA LEU B 305 -36.49 -13.84 0.16
C LEU B 305 -36.41 -12.78 -0.94
N ALA B 306 -37.57 -12.30 -1.37
CA ALA B 306 -37.61 -11.28 -2.39
C ALA B 306 -38.02 -10.01 -1.67
N LEU B 307 -37.16 -9.00 -1.74
CA LEU B 307 -37.44 -7.75 -1.07
C LEU B 307 -37.50 -6.62 -2.08
N ALA B 308 -38.41 -5.69 -1.84
CA ALA B 308 -38.57 -4.56 -2.73
C ALA B 308 -38.52 -3.28 -1.93
N ASN B 309 -37.76 -2.31 -2.44
CA ASN B 309 -37.68 -1.03 -1.76
C ASN B 309 -38.26 -0.02 -2.73
N ASN B 310 -37.82 1.23 -2.67
CA ASN B 310 -38.35 2.24 -3.56
C ASN B 310 -37.85 2.16 -4.99
N SER B 311 -36.68 1.57 -5.19
CA SER B 311 -36.09 1.48 -6.52
C SER B 311 -35.62 0.11 -7.01
N THR B 312 -35.44 -0.84 -6.11
CA THR B 312 -34.97 -2.15 -6.53
C THR B 312 -35.66 -3.38 -5.94
N LEU B 313 -35.46 -4.49 -6.64
CA LEU B 313 -36.01 -5.79 -6.29
C LEU B 313 -34.81 -6.69 -6.02
N THR B 314 -34.63 -7.15 -4.79
CA THR B 314 -33.49 -8.00 -4.52
C THR B 314 -33.90 -9.37 -3.97
N ILE B 315 -33.36 -10.42 -4.58
CA ILE B 315 -33.63 -11.80 -4.16
C ILE B 315 -32.41 -12.23 -3.34
N GLY B 316 -32.62 -12.75 -2.14
CA GLY B 316 -31.49 -13.15 -1.33
C GLY B 316 -31.83 -13.96 -0.10
N THR B 317 -30.82 -14.26 0.71
CA THR B 317 -31.02 -15.04 1.92
C THR B 317 -30.56 -14.21 3.12
N ILE B 318 -31.01 -14.58 4.32
CA ILE B 318 -30.59 -13.82 5.49
C ILE B 318 -29.86 -14.68 6.48
N ASP B 319 -29.18 -14.03 7.42
CA ASP B 319 -28.44 -14.75 8.43
C ASP B 319 -29.43 -15.59 9.16
N GLU B 320 -28.92 -16.60 9.85
CA GLU B 320 -29.75 -17.48 10.62
C GLU B 320 -29.35 -17.12 12.05
N ILE B 321 -29.66 -18.01 13.00
CA ILE B 321 -29.35 -17.86 14.43
C ILE B 321 -30.45 -17.22 15.28
N GLY C 1 18.57 -6.67 -11.68
CA GLY C 1 19.12 -8.00 -12.11
C GLY C 1 19.12 -9.00 -10.97
N SER C 2 19.88 -10.10 -11.13
CA SER C 2 19.96 -11.14 -10.12
C SER C 2 21.41 -11.49 -9.79
N HIS C 3 21.59 -12.37 -8.82
CA HIS C 3 22.92 -12.82 -8.40
C HIS C 3 23.80 -11.65 -8.03
N MET C 4 23.33 -10.85 -7.09
CA MET C 4 24.07 -9.70 -6.62
C MET C 4 24.84 -10.13 -5.38
N ARG C 5 26.11 -9.75 -5.33
CA ARG C 5 26.99 -10.07 -4.21
C ARG C 5 27.66 -8.76 -3.84
N ASN C 6 27.50 -8.34 -2.59
CA ASN C 6 28.09 -7.10 -2.13
C ASN C 6 29.12 -7.31 -1.03
N GLY C 7 29.13 -6.42 -0.04
CA GLY C 7 30.09 -6.54 1.05
C GLY C 7 31.41 -5.91 0.66
N ILE C 8 32.06 -5.26 1.61
CA ILE C 8 33.32 -4.61 1.31
C ILE C 8 34.52 -5.56 1.39
N GLY C 9 35.46 -5.38 0.47
CA GLY C 9 36.64 -6.22 0.42
C GLY C 9 37.87 -5.59 1.04
N ILE C 10 38.80 -6.44 1.45
CA ILE C 10 40.05 -5.99 2.05
C ILE C 10 41.17 -6.25 1.05
N HIS C 11 42.03 -5.26 0.82
CA HIS C 11 43.14 -5.44 -0.10
C HIS C 11 44.37 -5.71 0.76
N GLU C 12 44.72 -6.98 0.86
CA GLU C 12 45.86 -7.44 1.65
C GLU C 12 47.23 -7.00 1.17
N HIS C 13 47.94 -6.31 2.05
CA HIS C 13 49.30 -5.82 1.77
C HIS C 13 50.30 -6.86 2.25
N ALA C 14 49.90 -7.66 3.23
CA ALA C 14 50.75 -8.69 3.80
C ALA C 14 49.98 -9.61 4.73
N SER C 15 50.41 -10.87 4.78
CA SER C 15 49.79 -11.88 5.62
C SER C 15 50.89 -12.58 6.42
N ILE C 16 50.62 -12.87 7.70
CA ILE C 16 51.57 -13.53 8.60
C ILE C 16 50.88 -14.62 9.41
N ASP C 17 51.49 -15.81 9.46
CA ASP C 17 50.92 -16.90 10.25
C ASP C 17 51.29 -16.65 11.70
N LEU C 18 50.32 -16.22 12.49
CA LEU C 18 50.54 -15.91 13.90
C LEU C 18 49.32 -16.31 14.73
N PRO C 19 49.26 -17.56 15.17
CA PRO C 19 48.12 -18.06 15.96
C PRO C 19 47.96 -17.44 17.33
N GLY C 20 46.74 -17.55 17.87
CA GLY C 20 46.44 -17.06 19.20
C GLY C 20 46.54 -15.59 19.55
N ILE C 21 46.46 -14.69 18.57
CA ILE C 21 46.53 -13.26 18.89
C ILE C 21 45.28 -12.89 19.71
N LYS C 22 45.47 -12.14 20.78
CA LYS C 22 44.36 -11.74 21.64
C LYS C 22 44.13 -10.23 21.62
N GLY C 23 44.90 -9.53 20.80
CA GLY C 23 44.76 -8.09 20.70
C GLY C 23 45.94 -7.47 19.96
N LEU C 24 45.69 -6.35 19.31
CA LEU C 24 46.76 -5.66 18.59
C LEU C 24 46.60 -4.17 18.79
N TRP C 25 47.71 -3.47 18.89
CA TRP C 25 47.68 -2.04 19.10
C TRP C 25 48.81 -1.33 18.37
N PRO C 26 48.46 -0.36 17.52
CA PRO C 26 49.42 0.42 16.74
C PRO C 26 50.14 1.36 17.69
N LEU C 27 51.42 1.63 17.42
CA LEU C 27 52.20 2.50 18.28
C LEU C 27 53.24 3.38 17.59
N ARG C 28 53.40 4.60 18.07
CA ARG C 28 54.34 5.56 17.54
C ARG C 28 55.52 5.62 18.52
N SER C 29 56.55 4.79 18.29
CA SER C 29 57.75 4.70 19.15
C SER C 29 58.50 6.02 19.27
N ASP C 30 58.15 6.93 18.40
CA ASP C 30 58.60 8.31 18.28
C ASP C 30 59.94 8.96 18.13
N PRO C 31 60.49 8.90 16.90
CA PRO C 31 61.70 9.71 16.93
C PRO C 31 60.77 10.92 16.76
N ASN C 32 60.27 11.29 15.60
CA ASN C 32 59.36 12.42 15.70
C ASN C 32 58.33 12.26 14.61
N ARG C 33 58.32 11.03 14.11
CA ARG C 33 57.42 10.60 13.05
C ARG C 33 56.00 10.55 13.58
N GLU C 34 55.05 10.81 12.69
CA GLU C 34 53.64 10.84 13.04
C GLU C 34 53.10 9.48 12.64
N THR C 35 53.92 8.78 11.86
CA THR C 35 53.65 7.45 11.36
C THR C 35 53.81 6.45 12.50
N TYR C 36 52.87 5.54 12.64
CA TYR C 36 52.99 4.51 13.68
C TYR C 36 54.10 3.59 13.17
N ASP C 37 55.03 3.23 14.06
CA ASP C 37 56.14 2.38 13.68
C ASP C 37 56.19 1.06 14.44
N THR C 38 55.19 0.84 15.27
CA THR C 38 55.16 -0.37 16.08
C THR C 38 53.78 -1.01 16.21
N LEU C 39 53.78 -2.33 16.15
CA LEU C 39 52.55 -3.10 16.29
C LEU C 39 52.76 -3.97 17.53
N VAL C 40 51.92 -3.76 18.54
CA VAL C 40 52.02 -4.53 19.78
C VAL C 40 50.90 -5.56 19.81
N LEU C 41 51.27 -6.82 19.96
CA LEU C 41 50.32 -7.94 19.99
C LEU C 41 50.28 -8.66 21.33
N SER C 42 49.08 -9.13 21.70
CA SER C 42 48.88 -9.86 22.94
C SER C 42 48.57 -11.32 22.65
N PHE C 43 48.95 -12.19 23.58
CA PHE C 43 48.70 -13.63 23.47
C PHE C 43 48.31 -14.10 24.86
N VAL C 44 47.92 -15.37 25.00
CA VAL C 44 47.53 -15.88 26.30
C VAL C 44 48.62 -15.59 27.32
N GLY C 45 48.32 -14.69 28.26
CA GLY C 45 49.29 -14.32 29.28
C GLY C 45 50.62 -13.82 28.75
N GLN C 46 50.65 -13.37 27.50
CA GLN C 46 51.90 -12.88 26.90
C GLN C 46 51.70 -11.63 26.02
N THR C 47 52.81 -10.98 25.67
CA THR C 47 52.75 -9.79 24.82
C THR C 47 54.03 -9.65 24.00
N ARG C 48 53.87 -9.40 22.70
CA ARG C 48 55.01 -9.24 21.81
C ARG C 48 54.94 -7.90 21.10
N VAL C 49 56.11 -7.35 20.79
CA VAL C 49 56.19 -6.05 20.13
C VAL C 49 56.85 -6.18 18.77
N LEU C 50 56.12 -5.84 17.72
CA LEU C 50 56.64 -5.91 16.37
C LEU C 50 57.12 -4.55 15.86
N MET C 51 58.40 -4.48 15.54
CA MET C 51 59.00 -3.26 15.02
C MET C 51 58.64 -3.21 13.54
N LEU C 52 58.04 -2.10 13.11
CA LEU C 52 57.66 -1.99 11.71
C LEU C 52 58.72 -1.34 10.83
N ASN C 53 59.69 -0.67 11.44
CA ASN C 53 60.78 -0.01 10.71
C ASN C 53 60.88 -0.48 9.26
N GLY C 54 61.34 -1.71 9.06
CA GLY C 54 61.45 -2.25 7.72
C GLY C 54 60.14 -2.93 7.39
N GLU C 55 59.73 -2.88 6.12
CA GLU C 55 58.46 -3.49 5.75
C GLU C 55 58.51 -5.01 5.71
N GLU C 56 59.24 -5.56 6.67
CA GLU C 56 59.39 -7.00 6.82
C GLU C 56 58.66 -6.32 7.96
N VAL C 57 58.54 -7.04 9.07
CA VAL C 57 57.89 -6.55 10.29
C VAL C 57 58.73 -7.56 11.06
N GLU C 58 59.47 -7.06 12.04
CA GLU C 58 60.34 -7.90 12.85
C GLU C 58 60.14 -7.67 14.34
N GLU C 59 60.31 -8.74 15.11
CA GLU C 59 60.13 -8.68 16.55
C GLU C 59 61.20 -7.80 17.19
N THR C 60 60.88 -7.21 18.33
CA THR C 60 61.82 -6.35 19.04
C THR C 60 61.51 -6.35 20.53
N GLU C 61 62.38 -5.76 21.32
CA GLU C 61 62.17 -5.73 22.76
C GLU C 61 61.33 -4.52 23.16
N LEU C 62 60.76 -4.61 24.36
CA LEU C 62 59.88 -3.57 24.89
C LEU C 62 60.40 -2.91 26.16
N MET C 63 61.49 -2.15 26.04
CA MET C 63 62.08 -1.43 27.16
C MET C 63 60.99 -0.65 27.88
N GLY C 64 60.69 -1.04 29.11
CA GLY C 64 59.65 -0.38 29.87
C GLY C 64 58.39 -1.22 29.86
N PHE C 65 58.12 -1.87 28.73
CA PHE C 65 56.94 -2.74 28.60
C PHE C 65 57.27 -4.13 29.13
N VAL C 66 56.26 -4.99 29.24
CA VAL C 66 56.48 -6.35 29.71
C VAL C 66 55.89 -7.37 28.75
N ASP C 67 56.58 -8.50 28.62
CA ASP C 67 56.12 -9.62 27.82
C ASP C 67 55.51 -10.41 28.99
N ASP C 68 55.65 -11.72 29.00
CA ASP C 68 55.14 -12.52 30.12
C ASP C 68 53.93 -11.98 30.89
N GLN C 69 53.00 -11.33 30.20
CA GLN C 69 51.81 -10.81 30.87
C GLN C 69 50.92 -10.24 29.77
N GLN C 70 49.66 -10.65 29.76
CA GLN C 70 48.73 -10.20 28.74
C GLN C 70 48.39 -8.72 28.84
N THR C 71 48.52 -8.04 27.70
CA THR C 71 48.24 -6.61 27.59
C THR C 71 46.76 -6.42 27.23
N PHE C 72 46.13 -5.38 27.78
CA PHE C 72 44.73 -5.09 27.48
C PHE C 72 44.62 -3.89 26.55
N PHE C 73 45.40 -2.85 26.87
CA PHE C 73 45.45 -1.65 26.04
C PHE C 73 46.88 -1.21 25.87
N CYS C 74 47.16 -0.55 24.76
CA CYS C 74 48.51 -0.15 24.50
C CYS C 74 48.57 0.99 23.50
N GLY C 75 49.28 2.06 23.84
CA GLY C 75 49.38 3.18 22.92
C GLY C 75 50.17 4.38 23.40
N ASN C 76 50.24 5.40 22.55
CA ASN C 76 50.95 6.64 22.84
C ASN C 76 50.10 7.50 23.78
N VAL C 77 50.71 8.12 24.78
CA VAL C 77 49.93 8.97 25.68
C VAL C 77 50.53 10.35 25.84
N ALA C 78 49.68 11.26 26.31
CA ALA C 78 49.99 12.67 26.55
C ALA C 78 51.44 13.16 26.45
N HIS C 79 52.03 13.47 27.60
CA HIS C 79 53.38 14.01 27.70
C HIS C 79 54.54 13.17 27.18
N GLN C 80 54.50 12.89 25.88
CA GLN C 80 55.53 12.11 25.23
C GLN C 80 55.81 10.79 25.96
N GLN C 81 54.75 10.11 26.36
CA GLN C 81 54.90 8.83 27.05
C GLN C 81 54.08 7.72 26.38
N LEU C 82 54.17 6.52 26.94
CA LEU C 82 53.44 5.37 26.41
C LEU C 82 52.83 4.62 27.59
N ILE C 83 51.73 3.91 27.34
CA ILE C 83 51.10 3.10 28.37
C ILE C 83 50.97 1.68 27.87
N GLN C 84 50.94 0.76 28.83
CA GLN C 84 50.76 -0.64 28.55
C GLN C 84 49.91 -1.09 29.73
N ILE C 85 48.70 -1.56 29.46
CA ILE C 85 47.88 -2.02 30.56
C ILE C 85 47.74 -3.52 30.45
N THR C 86 48.09 -4.23 31.52
CA THR C 86 48.01 -5.68 31.53
C THR C 86 47.12 -6.20 32.65
N SER C 87 46.99 -7.51 32.73
CA SER C 87 46.19 -8.12 33.78
C SER C 87 46.77 -7.75 35.13
N ALA C 88 48.06 -7.42 35.15
CA ALA C 88 48.72 -7.07 36.39
C ALA C 88 48.71 -5.60 36.77
N SER C 89 49.00 -4.71 35.83
CA SER C 89 49.03 -3.30 36.19
C SER C 89 49.07 -2.37 35.00
N VAL C 90 49.17 -1.07 35.32
CA VAL C 90 49.25 0.00 34.34
C VAL C 90 50.67 0.55 34.48
N ARG C 91 51.40 0.63 33.37
CA ARG C 91 52.76 1.17 33.43
C ARG C 91 53.00 2.32 32.47
N LEU C 92 53.50 3.44 33.00
CA LEU C 92 53.82 4.60 32.17
C LEU C 92 55.26 4.49 31.72
N VAL C 93 55.50 4.65 30.43
CA VAL C 93 56.85 4.58 29.90
C VAL C 93 57.30 5.87 29.22
N SER C 94 58.49 6.32 29.62
CA SER C 94 59.10 7.52 29.06
C SER C 94 59.47 7.18 27.62
N GLN C 95 59.00 7.99 26.67
CA GLN C 95 59.29 7.73 25.27
C GLN C 95 60.72 8.11 24.92
N GLU C 96 61.21 9.17 25.57
CA GLU C 96 62.57 9.64 25.37
C GLU C 96 63.40 8.47 25.90
N PRO C 97 64.24 8.66 26.94
CA PRO C 97 64.92 7.42 27.29
C PRO C 97 63.85 6.42 27.68
N LYS C 98 63.65 5.40 26.84
CA LYS C 98 62.65 4.39 27.12
C LYS C 98 62.86 3.85 28.53
N ALA C 99 62.02 4.31 29.46
CA ALA C 99 62.10 3.89 30.85
C ALA C 99 60.75 3.88 31.51
N LEU C 100 60.62 3.03 32.52
CA LEU C 100 59.39 2.94 33.28
C LEU C 100 59.38 4.16 34.19
N VAL C 101 58.35 5.00 34.08
CA VAL C 101 58.27 6.21 34.89
C VAL C 101 57.11 6.23 35.90
N SER C 102 56.28 5.21 35.86
CA SER C 102 55.15 5.09 36.79
C SER C 102 54.44 3.74 36.62
N GLU C 103 53.91 3.21 37.71
CA GLU C 103 53.16 1.96 37.68
C GLU C 103 52.07 1.99 38.72
N TRP C 104 50.89 1.54 38.33
CA TRP C 104 49.77 1.52 39.24
C TRP C 104 49.35 0.08 39.44
N LYS C 105 48.83 -0.23 40.61
CA LYS C 105 48.36 -1.56 40.91
C LYS C 105 47.19 -1.47 41.86
N GLU C 106 46.24 -2.38 41.73
CA GLU C 106 45.10 -2.38 42.61
C GLU C 106 45.71 -2.49 44.01
N PRO C 107 45.10 -1.83 45.00
CA PRO C 107 45.59 -1.85 46.37
C PRO C 107 46.09 -3.21 46.90
N GLN C 108 45.52 -4.30 46.39
CA GLN C 108 45.91 -5.65 46.82
C GLN C 108 46.59 -6.50 45.75
N ALA C 109 46.87 -5.90 44.60
CA ALA C 109 47.50 -6.62 43.49
C ALA C 109 46.51 -7.46 42.71
N LYS C 110 45.22 -7.28 42.99
CA LYS C 110 44.20 -8.03 42.27
C LYS C 110 44.36 -7.67 40.79
N ASN C 111 44.15 -8.65 39.92
CA ASN C 111 44.31 -8.42 38.50
C ASN C 111 43.34 -7.36 37.97
N ILE C 112 43.69 -6.82 36.81
CA ILE C 112 42.87 -5.83 36.11
C ILE C 112 41.89 -6.67 35.31
N SER C 113 40.60 -6.38 35.41
CA SER C 113 39.59 -7.15 34.67
C SER C 113 39.34 -6.53 33.30
N VAL C 114 38.93 -5.28 33.33
CA VAL C 114 38.62 -4.57 32.10
C VAL C 114 39.41 -3.28 32.03
N ALA C 115 39.81 -2.89 30.82
CA ALA C 115 40.58 -1.67 30.67
C ALA C 115 40.16 -0.78 29.51
N SER C 116 40.17 0.52 29.75
CA SER C 116 39.84 1.51 28.75
C SER C 116 40.82 2.66 28.94
N CYS C 117 41.41 3.13 27.85
CA CYS C 117 42.37 4.21 27.95
C CYS C 117 42.16 5.31 26.94
N ASN C 118 42.54 6.50 27.34
CA ASN C 118 42.41 7.69 26.51
C ASN C 118 43.82 8.11 26.15
N SER C 119 44.00 9.40 25.94
CA SER C 119 45.32 9.93 25.61
C SER C 119 45.91 10.42 26.93
N SER C 120 45.01 10.77 27.85
CA SER C 120 45.39 11.27 29.16
C SER C 120 44.56 10.64 30.27
N GLN C 121 43.59 9.80 29.91
CA GLN C 121 42.73 9.17 30.91
C GLN C 121 42.73 7.65 30.92
N VAL C 122 42.54 7.09 32.10
CA VAL C 122 42.50 5.64 32.23
C VAL C 122 41.39 5.25 33.20
N VAL C 123 40.50 4.37 32.76
CA VAL C 123 39.44 3.86 33.63
C VAL C 123 39.63 2.35 33.55
N VAL C 124 39.97 1.77 34.69
CA VAL C 124 40.24 0.36 34.75
C VAL C 124 39.37 -0.30 35.80
N ALA C 125 39.17 -1.61 35.68
CA ALA C 125 38.33 -2.31 36.62
C ALA C 125 38.87 -3.63 37.13
N VAL C 126 38.60 -3.88 38.41
CA VAL C 126 38.97 -5.12 39.07
C VAL C 126 37.71 -5.65 39.69
N GLY C 127 37.06 -6.60 38.98
CA GLY C 127 35.84 -7.15 39.42
C GLY C 127 34.76 -6.11 39.13
N ARG C 128 34.29 -5.58 40.20
CA ARG C 128 33.22 -4.66 40.36
C ARG C 128 33.76 -3.27 40.63
N ALA C 129 35.04 -3.26 41.01
CA ALA C 129 35.71 -2.03 41.39
C ALA C 129 36.19 -1.21 40.19
N LEU C 130 36.02 0.11 40.29
CA LEU C 130 36.41 1.05 39.23
C LEU C 130 37.44 2.09 39.68
N TYR C 131 38.38 2.40 38.78
CA TYR C 131 39.43 3.37 39.04
C TYR C 131 39.63 4.37 37.90
N TYR C 132 39.71 5.64 38.27
CA TYR C 132 39.91 6.72 37.33
C TYR C 132 41.34 7.26 37.51
N LEU C 133 42.20 6.97 36.54
CA LEU C 133 43.58 7.41 36.60
C LEU C 133 43.79 8.54 35.59
N GLN C 134 44.69 9.47 35.90
CA GLN C 134 44.99 10.54 34.97
C GLN C 134 46.47 10.49 34.66
N ILE C 135 46.82 10.71 33.39
CA ILE C 135 48.21 10.65 32.97
C ILE C 135 48.96 11.98 33.02
N HIS C 136 49.88 12.10 33.97
CA HIS C 136 50.68 13.32 34.10
C HIS C 136 52.15 12.99 33.84
N PRO C 137 53.05 13.99 33.91
CA PRO C 137 54.46 13.71 33.67
C PRO C 137 55.06 12.75 34.70
N GLN C 138 55.57 11.61 34.24
CA GLN C 138 56.18 10.62 35.12
C GLN C 138 55.23 10.10 36.21
N GLU C 139 53.92 10.26 36.03
CA GLU C 139 52.99 9.82 37.05
C GLU C 139 51.57 9.46 36.60
N LEU C 140 51.07 8.35 37.11
CA LEU C 140 49.69 7.91 36.85
C LEU C 140 49.02 8.30 38.15
N ARG C 141 48.21 9.35 38.10
CA ARG C 141 47.53 9.87 39.28
C ARG C 141 46.12 9.30 39.47
N GLN C 142 45.88 8.66 40.61
CA GLN C 142 44.55 8.11 40.88
C GLN C 142 43.64 9.24 41.32
N ILE C 143 42.70 9.60 40.46
CA ILE C 143 41.77 10.68 40.77
C ILE C 143 40.57 10.26 41.60
N SER C 144 40.03 9.08 41.35
CA SER C 144 38.86 8.62 42.09
C SER C 144 38.57 7.14 41.88
N HIS C 145 37.68 6.59 42.71
CA HIS C 145 37.32 5.19 42.60
C HIS C 145 35.99 4.90 43.28
N THR C 146 35.22 4.00 42.68
CA THR C 146 33.92 3.62 43.22
C THR C 146 33.74 2.10 43.19
N GLU C 147 32.62 1.64 43.74
CA GLU C 147 32.29 0.22 43.80
C GLU C 147 30.95 0.06 43.08
N MET C 148 30.91 -0.70 42.00
CA MET C 148 29.64 -0.90 41.27
C MET C 148 28.77 -1.98 41.92
N GLU C 149 27.51 -2.05 41.49
CA GLU C 149 26.56 -3.02 42.00
C GLU C 149 26.83 -4.45 41.52
N HIS C 150 27.37 -4.55 40.30
CA HIS C 150 27.68 -5.84 39.70
C HIS C 150 29.04 -5.82 39.01
N GLU C 151 29.51 -7.01 38.60
CA GLU C 151 30.79 -7.14 37.93
C GLU C 151 30.74 -6.34 36.63
N VAL C 152 31.79 -5.57 36.38
CA VAL C 152 31.91 -4.74 35.18
C VAL C 152 32.29 -5.62 34.01
N ALA C 153 31.58 -5.51 32.91
CA ALA C 153 31.85 -6.32 31.74
C ALA C 153 32.63 -5.59 30.64
N CYS C 154 32.50 -4.28 30.56
CA CYS C 154 33.23 -3.51 29.55
C CYS C 154 33.25 -2.03 29.85
N LEU C 155 34.16 -1.32 29.19
CA LEU C 155 34.36 0.12 29.38
C LEU C 155 34.82 0.87 28.14
N ASP C 156 34.48 2.16 28.06
CA ASP C 156 34.92 3.02 26.97
C ASP C 156 34.92 4.46 27.45
N ILE C 157 36.00 5.17 27.17
CA ILE C 157 36.09 6.57 27.55
C ILE C 157 36.56 7.40 26.36
N THR C 158 36.05 7.06 25.20
CA THR C 158 36.38 7.78 23.98
C THR C 158 35.89 9.22 24.10
N PRO C 159 36.77 10.20 23.83
CA PRO C 159 36.32 11.59 23.94
C PRO C 159 35.52 11.93 22.69
N LEU C 160 34.37 12.57 22.85
CA LEU C 160 33.56 12.90 21.69
C LEU C 160 33.42 14.40 21.39
N GLY C 161 33.40 14.72 20.09
CA GLY C 161 33.27 16.10 19.67
C GLY C 161 34.51 16.94 19.94
N ASP C 162 34.30 18.23 20.16
CA ASP C 162 35.39 19.15 20.43
C ASP C 162 35.64 19.10 21.93
N SER C 163 36.31 18.05 22.38
CA SER C 163 36.60 17.87 23.81
C SER C 163 38.06 18.06 24.14
N ASN C 164 38.90 18.05 23.10
CA ASN C 164 40.33 18.23 23.30
C ASN C 164 40.99 16.98 23.85
N GLY C 165 40.31 15.84 23.72
CA GLY C 165 40.86 14.59 24.21
C GLY C 165 40.46 14.20 25.62
N LEU C 166 39.62 15.00 26.27
CA LEU C 166 39.18 14.73 27.63
C LEU C 166 37.72 14.30 27.71
N SER C 167 37.49 13.11 28.25
CA SER C 167 36.12 12.60 28.39
C SER C 167 35.52 12.84 29.77
N PRO C 168 34.36 13.50 29.81
CA PRO C 168 33.63 13.80 31.05
C PRO C 168 32.63 12.70 31.31
N LEU C 169 32.73 11.64 30.53
CA LEU C 169 31.78 10.54 30.64
C LEU C 169 32.42 9.18 30.56
N CYS C 170 31.83 8.22 31.28
CA CYS C 170 32.33 6.86 31.21
C CYS C 170 31.21 5.93 30.74
N ALA C 171 31.47 5.13 29.72
CA ALA C 171 30.48 4.19 29.24
C ALA C 171 30.81 2.82 29.82
N ILE C 172 29.86 2.23 30.52
CA ILE C 172 30.10 0.94 31.16
C ILE C 172 28.98 -0.09 30.98
N GLY C 173 29.38 -1.37 30.96
CA GLY C 173 28.43 -2.46 30.82
C GLY C 173 28.61 -3.41 31.98
N LEU C 174 27.52 -3.84 32.61
CA LEU C 174 27.59 -4.74 33.76
C LEU C 174 27.05 -6.15 33.54
N TRP C 175 27.36 -7.01 34.50
CA TRP C 175 26.93 -8.41 34.57
C TRP C 175 25.63 -8.44 35.36
N THR C 176 25.10 -9.64 35.52
CA THR C 176 23.88 -9.92 36.28
C THR C 176 22.96 -8.73 36.45
N ASP C 177 22.39 -8.27 35.33
CA ASP C 177 21.48 -7.13 35.29
C ASP C 177 21.56 -6.56 33.88
N ILE C 178 22.51 -7.10 33.11
CA ILE C 178 22.75 -6.71 31.72
C ILE C 178 22.39 -5.25 31.48
N SER C 179 23.15 -4.35 32.09
CA SER C 179 22.89 -2.93 31.93
C SER C 179 24.00 -2.21 31.19
N ALA C 180 23.64 -1.04 30.65
CA ALA C 180 24.57 -0.19 29.94
C ALA C 180 24.38 1.13 30.67
N ARG C 181 25.43 1.62 31.31
CA ARG C 181 25.31 2.87 32.04
C ARG C 181 26.27 3.91 31.48
N ILE C 182 26.05 5.15 31.89
CA ILE C 182 26.92 6.26 31.50
C ILE C 182 27.10 7.01 32.80
N LEU C 183 28.35 7.28 33.14
CA LEU C 183 28.63 7.97 34.39
C LEU C 183 29.49 9.21 34.13
N LYS C 184 29.47 10.13 35.08
CA LYS C 184 30.26 11.36 34.98
C LYS C 184 31.67 11.00 35.43
N LEU C 185 32.66 11.72 34.95
CA LEU C 185 34.04 11.44 35.35
C LEU C 185 34.69 12.59 36.05
N PRO C 186 35.17 12.33 37.28
CA PRO C 186 35.70 12.05 38.61
C PRO C 186 34.73 11.26 39.50
N SER C 187 33.53 11.78 39.68
CA SER C 187 32.51 11.17 40.56
C SER C 187 31.92 9.81 40.22
N PHE C 188 31.89 9.43 38.94
CA PHE C 188 31.31 8.15 38.57
C PHE C 188 29.80 8.14 38.87
N GLU C 189 29.18 9.32 38.94
CA GLU C 189 27.75 9.39 39.22
C GLU C 189 26.99 8.90 37.98
N LEU C 190 25.91 8.15 38.21
CA LEU C 190 25.10 7.59 37.14
C LEU C 190 24.24 8.66 36.44
N LEU C 191 24.50 8.87 35.15
CA LEU C 191 23.74 9.86 34.39
C LEU C 191 22.57 9.20 33.67
N HIS C 192 22.68 7.92 33.41
CA HIS C 192 21.63 7.20 32.71
C HIS C 192 21.93 5.70 32.65
N LYS C 193 20.97 4.91 33.13
CA LYS C 193 21.10 3.45 33.11
C LYS C 193 20.12 2.92 32.07
N GLU C 194 20.50 1.85 31.39
CA GLU C 194 19.65 1.26 30.35
C GLU C 194 19.71 -0.27 30.43
N MET C 195 18.58 -0.89 30.80
CA MET C 195 18.49 -2.35 30.90
C MET C 195 18.42 -2.96 29.50
N LEU C 196 19.41 -3.77 29.15
CA LEU C 196 19.42 -4.40 27.83
C LEU C 196 18.58 -5.67 27.82
N GLY C 197 18.23 -6.13 29.02
CA GLY C 197 17.41 -7.32 29.13
C GLY C 197 18.12 -8.58 28.67
N GLY C 198 17.49 -9.72 28.94
CA GLY C 198 18.08 -10.99 28.56
C GLY C 198 18.98 -11.51 29.67
N GLU C 199 19.67 -12.61 29.38
CA GLU C 199 20.57 -13.22 30.35
C GLU C 199 21.99 -13.24 29.81
N ILE C 200 22.22 -12.57 28.69
CA ILE C 200 23.54 -12.51 28.09
C ILE C 200 24.21 -11.19 28.47
N ILE C 201 25.46 -11.28 28.92
CA ILE C 201 26.23 -10.11 29.33
C ILE C 201 26.84 -9.37 28.15
N PRO C 202 27.07 -8.05 28.30
CA PRO C 202 27.67 -7.22 27.25
C PRO C 202 29.08 -7.75 26.96
N ARG C 203 29.66 -7.36 25.83
CA ARG C 203 31.01 -7.83 25.49
C ARG C 203 31.91 -6.66 25.06
N SER C 204 31.27 -5.62 24.57
CA SER C 204 31.98 -4.46 24.07
C SER C 204 31.02 -3.29 24.00
N ILE C 205 31.50 -2.12 24.41
CA ILE C 205 30.66 -0.92 24.42
C ILE C 205 31.51 0.21 23.86
N LEU C 206 30.87 1.13 23.15
CA LEU C 206 31.61 2.23 22.54
C LEU C 206 30.84 3.52 22.30
N MET C 207 31.45 4.64 22.68
CA MET C 207 30.85 5.95 22.46
C MET C 207 31.49 6.37 21.14
N THR C 208 30.69 6.83 20.18
CA THR C 208 31.23 7.23 18.89
C THR C 208 30.43 8.29 18.14
N THR C 209 31.02 8.81 17.05
CA THR C 209 30.39 9.85 16.23
C THR C 209 30.36 9.43 14.77
N PHE C 210 29.17 9.39 14.17
CA PHE C 210 29.06 8.99 12.79
C PHE C 210 28.80 10.14 11.83
N GLU C 211 27.71 10.86 12.04
CA GLU C 211 27.40 11.98 11.18
C GLU C 211 27.09 13.15 12.08
N SER C 212 28.14 13.64 12.73
CA SER C 212 28.04 14.77 13.64
C SER C 212 27.18 14.38 14.85
N SER C 213 26.66 13.17 14.82
CA SER C 213 25.83 12.68 15.90
C SER C 213 26.57 11.69 16.79
N HIS C 214 26.25 11.71 18.07
CA HIS C 214 26.90 10.83 19.03
C HIS C 214 26.06 9.63 19.38
N TYR C 215 26.68 8.46 19.32
CA TYR C 215 25.99 7.21 19.61
C TYR C 215 26.63 6.42 20.74
N LEU C 216 25.88 5.44 21.20
CA LEU C 216 26.35 4.54 22.23
C LEU C 216 26.05 3.15 21.71
N LEU C 217 27.09 2.47 21.25
CA LEU C 217 26.96 1.13 20.73
C LEU C 217 27.34 0.15 21.85
N CYS C 218 26.69 -1.01 21.87
CA CYS C 218 26.97 -2.01 22.88
C CYS C 218 26.59 -3.38 22.36
N ALA C 219 27.58 -4.20 22.07
CA ALA C 219 27.33 -5.55 21.58
C ALA C 219 27.26 -6.49 22.78
N LEU C 220 26.56 -7.60 22.63
CA LEU C 220 26.44 -8.58 23.71
C LEU C 220 27.13 -9.86 23.26
N GLY C 221 27.41 -10.75 24.21
CA GLY C 221 28.07 -12.00 23.88
C GLY C 221 27.25 -12.81 22.91
N ASP C 222 25.97 -12.48 22.85
CA ASP C 222 25.00 -13.13 21.98
C ASP C 222 25.29 -12.88 20.50
N GLY C 223 25.53 -11.62 20.15
CA GLY C 223 25.81 -11.25 18.78
C GLY C 223 24.92 -10.05 18.46
N ALA C 224 24.04 -9.73 19.40
CA ALA C 224 23.14 -8.60 19.23
C ALA C 224 23.88 -7.30 19.48
N LEU C 225 23.49 -6.26 18.74
CA LEU C 225 24.08 -4.93 18.89
C LEU C 225 23.01 -3.89 19.14
N PHE C 226 23.16 -3.18 20.27
CA PHE C 226 22.24 -2.12 20.65
C PHE C 226 22.89 -0.78 20.37
N TYR C 227 22.12 0.20 19.92
CA TYR C 227 22.73 1.50 19.72
C TYR C 227 21.74 2.60 20.03
N PHE C 228 22.27 3.67 20.60
CA PHE C 228 21.48 4.82 21.01
C PHE C 228 22.15 6.11 20.61
N GLY C 229 21.36 7.19 20.63
CA GLY C 229 21.89 8.50 20.36
C GLY C 229 22.32 8.98 21.73
N LEU C 230 23.47 9.62 21.79
CA LEU C 230 23.99 10.09 23.06
C LEU C 230 24.16 11.59 23.10
N ASN C 231 23.73 12.17 24.21
CA ASN C 231 23.82 13.61 24.45
C ASN C 231 25.01 13.81 25.37
N ILE C 232 26.08 14.39 24.82
CA ILE C 232 27.31 14.62 25.57
C ILE C 232 27.20 15.41 26.86
N GLU C 233 26.22 16.30 26.98
CA GLU C 233 26.12 17.11 28.20
C GLU C 233 25.34 16.48 29.36
N THR C 234 24.70 15.35 29.12
CA THR C 234 23.95 14.72 30.19
C THR C 234 23.99 13.21 30.03
N GLY C 235 24.62 12.76 28.96
CA GLY C 235 24.67 11.33 28.71
C GLY C 235 23.24 10.84 28.78
N LEU C 236 22.52 10.99 27.67
CA LEU C 236 21.15 10.55 27.65
C LEU C 236 20.98 9.60 26.49
N LEU C 237 20.56 8.39 26.81
CA LEU C 237 20.39 7.44 25.74
C LEU C 237 19.01 7.60 25.16
N SER C 238 19.08 7.96 23.89
CA SER C 238 17.97 8.23 23.00
C SER C 238 17.83 7.28 21.82
N ASP C 239 16.64 7.26 21.22
CA ASP C 239 16.31 6.37 20.10
C ASP C 239 16.88 4.94 20.07
N ARG C 240 16.44 4.13 21.04
CA ARG C 240 16.89 2.75 21.16
C ARG C 240 16.52 1.79 20.02
N LYS C 241 17.55 1.24 19.38
CA LYS C 241 17.38 0.26 18.31
C LYS C 241 18.24 -0.95 18.65
N LYS C 242 18.02 -2.05 17.94
CA LYS C 242 18.77 -3.27 18.20
C LYS C 242 18.89 -4.00 16.87
N VAL C 243 19.95 -4.76 16.70
CA VAL C 243 20.12 -5.51 15.46
C VAL C 243 20.90 -6.77 15.79
N THR C 244 20.80 -7.75 14.91
CA THR C 244 21.53 -8.99 15.12
C THR C 244 22.64 -9.08 14.11
N LEU C 245 23.87 -9.00 14.58
CA LEU C 245 25.01 -9.06 13.67
C LEU C 245 25.37 -10.52 13.43
N GLY C 246 26.16 -11.10 14.34
CA GLY C 246 26.54 -12.48 14.17
C GLY C 246 25.94 -13.36 15.24
N THR C 247 26.64 -14.45 15.55
CA THR C 247 26.16 -15.37 16.55
C THR C 247 27.04 -15.42 17.81
N GLN C 248 28.29 -14.99 17.68
CA GLN C 248 29.20 -15.01 18.82
C GLN C 248 29.45 -13.61 19.41
N PRO C 249 30.24 -13.53 20.50
CA PRO C 249 30.53 -12.22 21.09
C PRO C 249 31.17 -11.32 20.04
N THR C 250 30.97 -10.01 20.19
CA THR C 250 31.53 -9.05 19.23
C THR C 250 32.18 -7.85 19.91
N VAL C 251 33.35 -7.46 19.44
CA VAL C 251 34.03 -6.31 20.00
C VAL C 251 34.00 -5.20 18.94
N LEU C 252 33.74 -3.97 19.39
CA LEU C 252 33.67 -2.82 18.49
C LEU C 252 34.92 -1.95 18.56
N ARG C 253 35.36 -1.49 17.40
CA ARG C 253 36.53 -0.63 17.30
C ARG C 253 36.39 0.32 16.13
N THR C 254 36.76 1.58 16.33
CA THR C 254 36.68 2.57 15.26
C THR C 254 37.95 2.57 14.42
N PHE C 255 37.84 3.11 13.22
CA PHE C 255 38.95 3.21 12.28
C PHE C 255 38.61 4.24 11.21
N ARG C 256 39.62 4.76 10.52
CA ARG C 256 39.39 5.79 9.48
C ARG C 256 39.54 5.28 8.03
N SER C 257 38.84 5.93 7.07
CA SER C 257 38.84 5.54 5.67
C SER C 257 39.06 6.65 4.68
N LEU C 258 38.15 7.52 4.59
CA LEU C 258 38.21 8.65 3.69
C LEU C 258 37.61 9.64 4.62
N SER C 259 36.33 9.33 4.85
CA SER C 259 35.45 10.01 5.74
C SER C 259 36.20 10.53 6.96
N THR C 260 36.13 9.76 8.04
CA THR C 260 36.80 10.12 9.29
C THR C 260 36.65 9.01 10.32
N THR C 261 35.49 8.35 10.35
CA THR C 261 35.24 7.29 11.32
C THR C 261 34.15 6.28 10.98
N ASN C 262 34.51 5.00 11.04
CA ASN C 262 33.59 3.90 10.81
C ASN C 262 33.79 2.97 11.99
N VAL C 263 32.95 1.95 12.10
CA VAL C 263 33.13 1.01 13.20
C VAL C 263 33.23 -0.40 12.64
N PHE C 264 34.20 -1.14 13.17
CA PHE C 264 34.44 -2.51 12.74
C PHE C 264 34.00 -3.44 13.86
N ALA C 265 32.94 -4.20 13.59
CA ALA C 265 32.42 -5.15 14.55
C ALA C 265 33.15 -6.46 14.28
N CYS C 266 33.88 -6.94 15.27
CA CYS C 266 34.63 -8.17 15.13
C CYS C 266 33.85 -9.38 15.60
N SER C 267 33.76 -10.38 14.73
CA SER C 267 33.07 -11.63 15.05
C SER C 267 33.27 -12.57 13.88
N ASP C 268 32.56 -13.70 13.90
CA ASP C 268 32.66 -14.69 12.84
C ASP C 268 31.99 -14.11 11.60
N ARG C 269 31.27 -13.01 11.80
CA ARG C 269 30.59 -12.33 10.70
C ARG C 269 30.96 -10.85 10.74
N PRO C 270 32.13 -10.52 10.19
CA PRO C 270 32.69 -9.16 10.12
C PRO C 270 31.71 -8.15 9.53
N THR C 271 31.46 -7.06 10.23
CA THR C 271 30.54 -6.05 9.75
C THR C 271 31.14 -4.66 9.96
N VAL C 272 31.03 -3.79 8.97
CA VAL C 272 31.54 -2.44 9.13
C VAL C 272 30.32 -1.54 9.28
N ILE C 273 30.36 -0.64 10.26
CA ILE C 273 29.24 0.26 10.50
C ILE C 273 29.58 1.68 10.12
N TYR C 274 28.61 2.36 9.50
CA TYR C 274 28.78 3.75 9.10
C TYR C 274 27.41 4.39 8.91
N SER C 275 27.39 5.70 8.67
CA SER C 275 26.14 6.43 8.51
C SER C 275 25.89 6.98 7.11
N SER C 276 24.65 6.84 6.66
CA SER C 276 24.22 7.33 5.35
C SER C 276 22.84 7.92 5.52
N ASN C 277 22.75 9.25 5.41
CA ASN C 277 21.48 9.94 5.58
C ASN C 277 21.01 9.80 7.01
N HIS C 278 21.91 10.12 7.94
CA HIS C 278 21.64 10.06 9.37
C HIS C 278 21.13 8.72 9.88
N LYS C 279 21.61 7.64 9.29
CA LYS C 279 21.17 6.34 9.75
C LYS C 279 22.24 5.27 9.61
N LEU C 280 22.55 4.60 10.71
CA LEU C 280 23.55 3.56 10.71
C LEU C 280 23.24 2.49 9.68
N VAL C 281 24.25 2.14 8.88
CA VAL C 281 24.13 1.11 7.86
C VAL C 281 25.18 0.07 8.18
N PHE C 282 24.89 -1.18 7.87
CA PHE C 282 25.83 -2.27 8.15
C PHE C 282 26.18 -3.01 6.87
N SER C 283 27.48 -3.12 6.59
CA SER C 283 27.92 -3.82 5.39
C SER C 283 28.76 -5.02 5.74
N ASN C 284 28.34 -6.19 5.30
CA ASN C 284 29.09 -7.40 5.56
C ASN C 284 30.47 -7.24 4.96
N VAL C 285 31.45 -7.89 5.57
CA VAL C 285 32.83 -7.83 5.11
C VAL C 285 33.20 -9.21 4.58
N ASN C 286 33.84 -9.24 3.43
CA ASN C 286 34.22 -10.52 2.86
C ASN C 286 35.47 -11.11 3.52
N LEU C 287 35.26 -11.77 4.65
CA LEU C 287 36.33 -12.43 5.40
C LEU C 287 35.70 -13.47 6.34
N LYS C 288 36.28 -14.67 6.36
CA LYS C 288 35.77 -15.73 7.22
C LYS C 288 35.50 -15.21 8.62
N GLU C 289 36.55 -14.78 9.30
CA GLU C 289 36.41 -14.23 10.65
C GLU C 289 37.56 -13.32 11.03
N VAL C 290 37.27 -12.35 11.88
CA VAL C 290 38.26 -11.40 12.37
C VAL C 290 37.89 -11.22 13.83
N ASN C 291 38.87 -11.41 14.71
CA ASN C 291 38.61 -11.30 16.13
C ASN C 291 39.08 -9.99 16.74
N TYR C 292 40.18 -9.48 16.22
CA TYR C 292 40.72 -8.23 16.69
C TYR C 292 41.13 -7.39 15.51
N MET C 293 41.16 -6.09 15.71
CA MET C 293 41.48 -5.17 14.63
C MET C 293 41.91 -3.81 15.15
N CYS C 294 42.75 -3.11 14.38
CA CYS C 294 43.19 -1.78 14.77
C CYS C 294 43.66 -1.06 13.52
N PRO C 295 43.62 0.29 13.53
CA PRO C 295 44.06 1.12 12.41
C PRO C 295 45.58 1.04 12.46
N LEU C 296 46.25 1.37 11.37
CA LEU C 296 47.70 1.32 11.38
C LEU C 296 48.24 2.20 10.27
N ASN C 297 48.98 3.23 10.62
CA ASN C 297 49.53 4.13 9.60
C ASN C 297 51.04 4.21 9.66
N SER C 298 51.71 3.30 8.96
CA SER C 298 53.17 3.28 8.95
C SER C 298 53.69 3.66 7.56
N ASP C 299 55.01 3.75 7.42
CA ASP C 299 55.61 4.11 6.14
C ASP C 299 55.37 3.03 5.09
N GLY C 300 55.53 1.78 5.50
CA GLY C 300 55.33 0.67 4.59
C GLY C 300 53.86 0.29 4.46
N TYR C 301 53.07 0.67 5.44
CA TYR C 301 51.64 0.38 5.45
C TYR C 301 50.83 1.61 5.86
N PRO C 302 50.68 2.58 4.94
CA PRO C 302 49.94 3.84 5.15
C PRO C 302 48.42 3.64 5.22
N ASP C 303 47.75 4.42 6.06
CA ASP C 303 46.29 4.36 6.24
C ASP C 303 45.73 2.95 6.05
N SER C 304 46.37 2.00 6.72
CA SER C 304 45.98 0.59 6.63
C SER C 304 45.17 0.12 7.82
N LEU C 305 44.99 -1.20 7.88
CA LEU C 305 44.27 -1.85 8.96
C LEU C 305 45.02 -3.15 9.24
N ALA C 306 45.17 -3.49 10.52
CA ALA C 306 45.83 -4.73 10.88
C ALA C 306 44.71 -5.59 11.44
N LEU C 307 44.49 -6.74 10.80
CA LEU C 307 43.42 -7.63 11.23
C LEU C 307 43.96 -8.97 11.67
N ALA C 308 43.43 -9.47 12.78
CA ALA C 308 43.86 -10.76 13.31
C ALA C 308 42.71 -11.73 13.47
N ASN C 309 42.83 -12.90 12.85
CA ASN C 309 41.82 -13.92 13.02
C ASN C 309 42.53 -14.94 13.90
N ASN C 310 41.91 -16.06 14.20
CA ASN C 310 42.55 -17.03 15.08
C ASN C 310 43.79 -17.74 14.54
N SER C 311 44.44 -17.19 13.52
CA SER C 311 45.62 -17.85 12.98
C SER C 311 46.50 -16.96 12.12
N THR C 312 46.02 -15.77 11.82
CA THR C 312 46.79 -14.90 10.95
C THR C 312 46.70 -13.42 11.26
N LEU C 313 47.77 -12.72 10.93
CA LEU C 313 47.83 -11.29 11.09
C LEU C 313 47.87 -10.79 9.66
N THR C 314 47.06 -9.78 9.34
CA THR C 314 47.07 -9.27 7.98
C THR C 314 46.95 -7.76 7.98
N ILE C 315 47.56 -7.14 6.98
CA ILE C 315 47.50 -5.69 6.85
C ILE C 315 47.01 -5.35 5.46
N GLY C 316 46.01 -4.47 5.40
CA GLY C 316 45.44 -4.06 4.13
C GLY C 316 44.44 -2.95 4.34
N THR C 317 43.66 -2.63 3.30
CA THR C 317 42.66 -1.58 3.42
C THR C 317 41.33 -2.00 2.82
N ILE C 318 40.31 -1.20 3.08
CA ILE C 318 38.98 -1.49 2.57
C ILE C 318 38.83 -0.76 1.23
N ASP C 319 37.76 -1.06 0.52
CA ASP C 319 37.49 -0.42 -0.76
C ASP C 319 36.27 0.46 -0.55
N GLU C 320 36.06 0.88 0.69
CA GLU C 320 34.94 1.72 1.06
C GLU C 320 34.46 2.49 -0.15
N SER D 2 18.12 25.08 -55.07
CA SER D 2 18.60 23.67 -55.11
C SER D 2 20.11 23.62 -54.87
N HIS D 3 20.69 24.73 -54.42
CA HIS D 3 22.13 24.77 -54.16
C HIS D 3 22.53 25.20 -52.75
N MET D 4 22.74 24.20 -51.89
CA MET D 4 23.15 24.39 -50.49
C MET D 4 23.46 23.02 -49.89
N ARG D 5 24.29 22.26 -50.60
CA ARG D 5 24.66 20.91 -50.21
C ARG D 5 26.02 20.81 -49.50
N ASN D 6 26.22 21.51 -48.39
CA ASN D 6 27.51 21.43 -47.71
C ASN D 6 27.58 21.65 -46.21
N GLY D 7 28.53 20.96 -45.60
CA GLY D 7 28.74 21.01 -44.15
C GLY D 7 28.70 22.36 -43.45
N ILE D 8 28.20 22.33 -42.23
CA ILE D 8 28.11 23.52 -41.38
C ILE D 8 29.10 23.32 -40.23
N GLY D 9 29.83 24.38 -39.92
CA GLY D 9 30.81 24.30 -38.85
C GLY D 9 30.44 25.12 -37.64
N ILE D 10 31.07 24.80 -36.52
CA ILE D 10 30.84 25.51 -35.27
C ILE D 10 32.16 26.05 -34.74
N HIS D 11 32.14 27.27 -34.22
CA HIS D 11 33.34 27.88 -33.65
C HIS D 11 33.28 27.72 -32.13
N GLU D 12 34.04 26.78 -31.59
CA GLU D 12 34.05 26.55 -30.14
C GLU D 12 34.50 27.82 -29.44
N HIS D 13 33.80 28.20 -28.37
CA HIS D 13 34.17 29.38 -27.60
C HIS D 13 34.47 28.94 -26.18
N ALA D 14 34.44 27.63 -25.98
CA ALA D 14 34.71 27.02 -24.67
C ALA D 14 34.38 25.54 -24.77
N SER D 15 35.04 24.73 -23.96
CA SER D 15 34.79 23.30 -24.00
C SER D 15 35.10 22.55 -22.71
N ILE D 16 34.29 22.81 -21.70
CA ILE D 16 34.43 22.14 -20.41
C ILE D 16 34.31 20.63 -20.62
N ASP D 17 34.90 19.84 -19.72
CA ASP D 17 34.84 18.39 -19.81
C ASP D 17 33.79 17.85 -18.83
N LEU D 18 32.57 17.64 -19.32
CA LEU D 18 31.45 17.16 -18.52
C LEU D 18 30.82 15.87 -19.05
N PRO D 19 31.02 14.74 -18.37
CA PRO D 19 30.44 13.48 -18.84
C PRO D 19 29.05 13.16 -18.30
N GLY D 20 28.26 12.42 -19.07
CA GLY D 20 26.93 12.01 -18.64
C GLY D 20 25.79 12.99 -18.76
N ILE D 21 25.94 14.03 -19.57
CA ILE D 21 24.86 15.01 -19.74
C ILE D 21 23.65 14.35 -20.41
N LYS D 22 22.45 14.73 -19.98
CA LYS D 22 21.23 14.17 -20.54
C LYS D 22 20.27 15.20 -21.15
N GLY D 23 20.48 16.47 -20.83
CA GLY D 23 19.62 17.51 -21.37
C GLY D 23 20.26 18.85 -21.08
N LEU D 24 19.88 19.87 -21.83
CA LEU D 24 20.42 21.21 -21.62
C LEU D 24 19.31 22.24 -21.76
N TRP D 25 19.34 23.25 -20.90
CA TRP D 25 18.32 24.29 -20.94
C TRP D 25 18.90 25.67 -20.62
N PRO D 26 18.58 26.66 -21.45
CA PRO D 26 19.04 28.05 -21.30
C PRO D 26 18.23 28.68 -20.19
N LEU D 27 18.70 29.77 -19.61
CA LEU D 27 17.91 30.37 -18.55
C LEU D 27 18.35 31.78 -18.19
N ARG D 28 17.37 32.65 -17.95
CA ARG D 28 17.61 34.03 -17.55
C ARG D 28 17.18 34.05 -16.09
N SER D 29 18.12 34.00 -15.16
CA SER D 29 17.75 34.01 -13.75
C SER D 29 17.57 35.42 -13.19
N ASP D 30 17.61 36.41 -14.06
CA ASP D 30 17.41 37.77 -13.66
C ASP D 30 16.22 38.23 -14.49
N PRO D 31 15.08 38.48 -13.85
CA PRO D 31 13.94 38.94 -14.64
C PRO D 31 14.45 40.02 -15.58
N ASN D 32 14.86 41.11 -14.96
CA ASN D 32 15.33 42.27 -15.66
C ASN D 32 16.41 42.10 -16.75
N ARG D 33 17.11 40.96 -16.76
CA ARG D 33 18.11 40.74 -17.80
C ARG D 33 17.47 40.41 -19.13
N GLU D 34 18.25 40.48 -20.20
CA GLU D 34 17.77 40.19 -21.55
C GLU D 34 18.34 38.84 -21.93
N THR D 35 19.65 38.75 -21.78
CA THR D 35 20.42 37.56 -22.09
C THR D 35 20.26 36.38 -21.15
N TYR D 36 20.69 35.23 -21.64
CA TYR D 36 20.66 34.00 -20.85
C TYR D 36 21.90 34.09 -19.98
N ASP D 37 21.76 33.80 -18.69
CA ASP D 37 22.88 33.85 -17.77
C ASP D 37 23.07 32.53 -17.04
N THR D 38 22.33 31.52 -17.47
CA THR D 38 22.39 30.22 -16.81
C THR D 38 22.30 29.07 -17.81
N LEU D 39 22.81 27.92 -17.39
CA LEU D 39 22.77 26.72 -18.20
C LEU D 39 22.43 25.60 -17.22
N VAL D 40 21.31 24.92 -17.45
CA VAL D 40 20.91 23.83 -16.57
C VAL D 40 21.33 22.51 -17.22
N LEU D 41 21.82 21.57 -16.42
CA LEU D 41 22.27 20.29 -16.95
C LEU D 41 21.66 19.12 -16.21
N SER D 42 21.39 18.04 -16.94
CA SER D 42 20.83 16.85 -16.31
C SER D 42 21.68 15.61 -16.54
N PHE D 43 21.71 14.76 -15.52
CA PHE D 43 22.44 13.51 -15.53
C PHE D 43 21.46 12.48 -14.96
N VAL D 44 21.74 11.21 -15.20
CA VAL D 44 20.85 10.18 -14.67
C VAL D 44 20.64 10.50 -13.20
N GLY D 45 21.75 10.68 -12.49
CA GLY D 45 21.65 11.00 -11.10
C GLY D 45 20.72 12.16 -10.84
N GLN D 46 21.04 13.32 -11.41
CA GLN D 46 20.21 14.48 -11.15
C GLN D 46 20.35 15.66 -12.10
N THR D 47 20.41 16.86 -11.49
CA THR D 47 20.52 18.10 -12.22
C THR D 47 21.54 19.05 -11.61
N ARG D 48 22.29 19.72 -12.49
CA ARG D 48 23.30 20.68 -12.07
C ARG D 48 23.06 21.98 -12.82
N VAL D 49 23.45 23.08 -12.18
CA VAL D 49 23.27 24.42 -12.74
C VAL D 49 24.60 25.15 -12.88
N LEU D 50 24.78 25.81 -14.03
CA LEU D 50 26.00 26.56 -14.30
C LEU D 50 25.76 28.05 -14.54
N MET D 51 26.40 28.89 -13.73
CA MET D 51 26.29 30.34 -13.87
C MET D 51 27.19 30.85 -14.99
N LEU D 52 26.67 31.78 -15.78
CA LEU D 52 27.44 32.36 -16.87
C LEU D 52 27.65 33.84 -16.58
N ASN D 53 28.87 34.18 -16.17
CA ASN D 53 29.23 35.56 -15.86
C ASN D 53 29.58 36.25 -17.16
N GLY D 54 30.74 35.89 -17.70
CA GLY D 54 31.19 36.46 -18.95
C GLY D 54 31.54 35.27 -19.83
N GLU D 55 32.76 34.78 -19.66
CA GLU D 55 33.23 33.63 -20.40
C GLU D 55 33.64 32.63 -19.34
N GLU D 56 33.44 33.03 -18.10
CA GLU D 56 33.76 32.19 -16.94
C GLU D 56 32.47 31.44 -16.61
N VAL D 57 32.61 30.16 -16.25
CA VAL D 57 31.46 29.35 -15.90
C VAL D 57 31.59 28.97 -14.44
N GLU D 58 30.53 29.15 -13.67
CA GLU D 58 30.57 28.83 -12.26
C GLU D 58 29.49 27.81 -11.95
N GLU D 59 29.73 27.03 -10.90
CA GLU D 59 28.76 26.04 -10.44
C GLU D 59 27.90 26.82 -9.45
N THR D 60 26.61 26.96 -9.72
CA THR D 60 25.72 27.68 -8.81
C THR D 60 24.62 26.73 -8.36
N GLU D 61 23.55 27.30 -7.82
CA GLU D 61 22.43 26.51 -7.35
C GLU D 61 21.25 27.43 -7.10
N LEU D 62 20.20 27.31 -7.92
CA LEU D 62 19.04 28.17 -7.73
C LEU D 62 17.96 27.49 -6.90
N MET D 63 17.51 28.21 -5.87
CA MET D 63 16.46 27.73 -4.98
C MET D 63 15.19 27.53 -5.78
N GLY D 64 14.44 26.48 -5.44
CA GLY D 64 13.21 26.19 -6.16
C GLY D 64 13.38 24.88 -6.90
N PHE D 65 14.50 24.72 -7.58
CA PHE D 65 14.76 23.48 -8.29
C PHE D 65 15.26 22.46 -7.29
N VAL D 66 15.28 21.20 -7.72
CA VAL D 66 15.76 20.12 -6.88
C VAL D 66 16.91 19.51 -7.68
N ASP D 67 17.96 19.11 -6.98
CA ASP D 67 19.10 18.50 -7.63
C ASP D 67 19.07 17.04 -7.26
N ASP D 68 17.89 16.59 -6.82
CA ASP D 68 17.69 15.22 -6.41
C ASP D 68 17.49 14.32 -7.61
N GLN D 69 16.84 14.86 -8.64
CA GLN D 69 16.58 14.04 -9.81
C GLN D 69 16.84 14.67 -11.16
N GLN D 70 16.74 13.82 -12.18
CA GLN D 70 16.96 14.20 -13.56
C GLN D 70 15.82 15.09 -14.04
N THR D 71 16.20 16.24 -14.59
CA THR D 71 15.26 17.22 -15.12
C THR D 71 14.85 16.84 -16.55
N PHE D 72 13.56 16.86 -16.83
CA PHE D 72 13.06 16.54 -18.16
C PHE D 72 12.96 17.82 -18.99
N PHE D 73 12.93 18.94 -18.29
CA PHE D 73 12.86 20.26 -18.93
C PHE D 73 12.82 21.35 -17.88
N CYS D 74 13.26 22.54 -18.27
CA CYS D 74 13.24 23.70 -17.40
C CYS D 74 13.47 24.93 -18.26
N GLY D 75 12.93 26.07 -17.83
CA GLY D 75 13.10 27.28 -18.61
C GLY D 75 12.29 28.44 -18.06
N ASN D 76 12.55 29.63 -18.61
CA ASN D 76 11.85 30.84 -18.20
C ASN D 76 10.36 30.73 -18.49
N VAL D 77 9.56 30.93 -17.46
CA VAL D 77 8.12 30.84 -17.58
C VAL D 77 7.45 32.21 -17.59
N ALA D 78 6.13 32.23 -17.82
CA ALA D 78 5.30 33.43 -17.91
C ALA D 78 5.51 34.65 -17.00
N HIS D 79 4.63 34.79 -16.00
CA HIS D 79 4.66 35.93 -15.09
C HIS D 79 5.90 36.02 -14.23
N GLN D 80 7.05 36.17 -14.89
CA GLN D 80 8.33 36.27 -14.23
C GLN D 80 8.56 35.13 -13.25
N GLN D 81 8.48 33.90 -13.74
CA GLN D 81 8.69 32.70 -12.93
C GLN D 81 9.49 31.71 -13.75
N LEU D 82 10.02 30.69 -13.07
CA LEU D 82 10.81 29.63 -13.70
C LEU D 82 10.13 28.30 -13.50
N ILE D 83 10.52 27.31 -14.30
CA ILE D 83 9.90 26.00 -14.18
C ILE D 83 10.89 24.85 -14.31
N GLN D 84 10.67 23.79 -13.55
CA GLN D 84 11.51 22.60 -13.62
C GLN D 84 10.57 21.41 -13.61
N ILE D 85 10.67 20.57 -14.64
CA ILE D 85 9.83 19.40 -14.73
C ILE D 85 10.66 18.13 -14.56
N THR D 86 10.30 17.33 -13.56
CA THR D 86 11.00 16.09 -13.28
C THR D 86 9.98 14.94 -13.36
N SER D 87 10.45 13.71 -13.24
CA SER D 87 9.55 12.56 -13.31
C SER D 87 8.74 12.48 -12.02
N ALA D 88 9.19 13.23 -11.02
CA ALA D 88 8.52 13.24 -9.73
C ALA D 88 7.51 14.37 -9.65
N SER D 89 7.61 15.37 -10.54
CA SER D 89 6.68 16.49 -10.54
C SER D 89 7.07 17.65 -11.45
N VAL D 90 6.20 18.66 -11.45
CA VAL D 90 6.37 19.89 -12.22
C VAL D 90 6.55 20.95 -11.15
N ARG D 91 7.58 21.77 -11.26
CA ARG D 91 7.83 22.80 -10.26
C ARG D 91 7.88 24.21 -10.83
N LEU D 92 7.15 25.11 -10.17
CA LEU D 92 7.09 26.52 -10.56
C LEU D 92 7.85 27.36 -9.53
N VAL D 93 8.77 28.19 -10.00
CA VAL D 93 9.58 29.03 -9.12
C VAL D 93 9.47 30.51 -9.47
N SER D 94 9.63 31.36 -8.46
CA SER D 94 9.55 32.81 -8.64
C SER D 94 10.96 33.39 -8.85
N GLN D 95 11.04 34.49 -9.61
CA GLN D 95 12.33 35.16 -9.85
C GLN D 95 12.68 35.94 -8.58
N GLU D 96 11.69 36.70 -8.11
CA GLU D 96 11.84 37.47 -6.88
C GLU D 96 12.21 36.38 -5.90
N PRO D 97 12.71 36.73 -4.70
CA PRO D 97 13.07 35.66 -3.77
C PRO D 97 12.91 34.24 -4.34
N LYS D 98 13.85 33.84 -5.19
CA LYS D 98 13.81 32.51 -5.80
C LYS D 98 13.20 31.56 -4.78
N ALA D 99 12.03 31.00 -5.12
CA ALA D 99 11.33 30.08 -4.22
C ALA D 99 10.30 29.20 -4.90
N LEU D 100 10.16 27.98 -4.39
CA LEU D 100 9.18 27.06 -4.92
C LEU D 100 7.84 27.69 -4.60
N VAL D 101 7.07 27.94 -5.64
CA VAL D 101 5.79 28.60 -5.44
C VAL D 101 4.60 27.68 -5.67
N SER D 102 4.71 26.81 -6.66
CA SER D 102 3.63 25.89 -6.95
C SER D 102 4.23 24.58 -7.43
N GLU D 103 3.62 23.46 -7.03
CA GLU D 103 4.12 22.16 -7.45
C GLU D 103 2.91 21.31 -7.84
N TRP D 104 3.08 20.53 -8.90
CA TRP D 104 2.01 19.65 -9.40
C TRP D 104 2.52 18.22 -9.47
N LYS D 105 1.67 17.28 -9.07
CA LYS D 105 2.04 15.87 -9.11
C LYS D 105 0.86 15.04 -9.58
N GLU D 106 1.15 13.84 -10.05
CA GLU D 106 0.14 12.92 -10.55
C GLU D 106 -0.68 12.40 -9.36
N PRO D 107 -2.02 12.53 -9.42
CA PRO D 107 -2.96 12.08 -8.38
C PRO D 107 -2.60 10.78 -7.67
N GLN D 108 -2.50 9.70 -8.43
CA GLN D 108 -2.17 8.39 -7.87
C GLN D 108 -0.67 8.22 -7.62
N ALA D 109 0.07 9.32 -7.71
CA ALA D 109 1.51 9.28 -7.48
C ALA D 109 2.25 8.51 -8.58
N LYS D 110 1.97 8.82 -9.83
CA LYS D 110 2.65 8.16 -10.94
C LYS D 110 3.69 9.12 -11.50
N ASN D 111 4.82 8.59 -11.95
CA ASN D 111 5.89 9.40 -12.50
C ASN D 111 5.60 9.96 -13.87
N ILE D 112 6.04 11.19 -14.11
CA ILE D 112 5.87 11.82 -15.41
C ILE D 112 6.84 11.10 -16.34
N SER D 113 6.34 10.67 -17.50
CA SER D 113 7.19 9.96 -18.45
C SER D 113 7.72 10.83 -19.59
N VAL D 114 6.92 11.80 -20.02
CA VAL D 114 7.29 12.72 -21.09
C VAL D 114 6.74 14.11 -20.80
N ALA D 115 7.53 15.15 -21.08
CA ALA D 115 7.09 16.50 -20.78
C ALA D 115 7.33 17.52 -21.88
N SER D 116 6.49 18.55 -21.91
CA SER D 116 6.62 19.62 -22.90
C SER D 116 6.14 20.92 -22.25
N CYS D 117 6.58 22.06 -22.79
CA CYS D 117 6.22 23.35 -22.20
C CYS D 117 6.44 24.56 -23.11
N ASN D 118 5.70 25.64 -22.83
CA ASN D 118 5.86 26.92 -23.54
C ASN D 118 6.11 27.81 -22.36
N SER D 119 6.02 29.11 -22.57
CA SER D 119 6.20 30.02 -21.47
C SER D 119 4.87 30.06 -20.69
N SER D 120 3.79 29.55 -21.29
CA SER D 120 2.49 29.59 -20.62
C SER D 120 1.77 28.26 -20.46
N GLN D 121 2.18 27.23 -21.19
CA GLN D 121 1.51 25.93 -21.07
C GLN D 121 2.44 24.77 -20.80
N VAL D 122 1.90 23.75 -20.17
CA VAL D 122 2.64 22.54 -19.87
C VAL D 122 1.71 21.39 -20.23
N VAL D 123 2.25 20.35 -20.84
CA VAL D 123 1.48 19.15 -21.15
C VAL D 123 2.46 18.04 -20.84
N VAL D 124 2.11 17.19 -19.90
CA VAL D 124 2.98 16.09 -19.53
C VAL D 124 2.25 14.77 -19.73
N ALA D 125 3.02 13.73 -20.01
CA ALA D 125 2.48 12.41 -20.24
C ALA D 125 2.81 11.49 -19.09
N VAL D 126 1.86 10.63 -18.75
CA VAL D 126 2.02 9.66 -17.68
C VAL D 126 1.50 8.35 -18.23
N GLY D 127 2.37 7.64 -18.96
CA GLY D 127 1.97 6.37 -19.56
C GLY D 127 1.11 6.68 -20.76
N ARG D 128 -0.20 6.64 -20.54
CA ARG D 128 -1.18 6.94 -21.58
C ARG D 128 -1.74 8.31 -21.23
N ALA D 129 -1.84 8.56 -19.93
CA ALA D 129 -2.37 9.80 -19.39
C ALA D 129 -1.71 11.04 -19.95
N LEU D 130 -2.52 12.08 -20.13
CA LEU D 130 -2.06 13.36 -20.67
C LEU D 130 -2.66 14.49 -19.85
N TYR D 131 -1.82 15.26 -19.18
CA TYR D 131 -2.31 16.39 -18.39
C TYR D 131 -1.89 17.72 -19.01
N TYR D 132 -2.81 18.67 -18.97
CA TYR D 132 -2.56 19.99 -19.52
C TYR D 132 -2.68 21.01 -18.41
N LEU D 133 -1.60 21.74 -18.15
CA LEU D 133 -1.59 22.75 -17.11
C LEU D 133 -1.23 24.10 -17.69
N GLN D 134 -1.71 25.16 -17.05
CA GLN D 134 -1.40 26.51 -17.49
C GLN D 134 -0.62 27.21 -16.41
N ILE D 135 0.23 28.14 -16.83
CA ILE D 135 1.05 28.88 -15.88
C ILE D 135 0.44 30.20 -15.47
N HIS D 136 -0.04 30.23 -14.22
CA HIS D 136 -0.64 31.42 -13.64
C HIS D 136 0.19 31.91 -12.47
N PRO D 137 -0.01 33.18 -12.06
CA PRO D 137 0.73 33.74 -10.94
C PRO D 137 0.77 32.79 -9.75
N GLN D 138 1.97 32.30 -9.43
CA GLN D 138 2.15 31.37 -8.33
C GLN D 138 1.33 30.11 -8.51
N GLU D 139 0.63 29.97 -9.64
CA GLU D 139 -0.22 28.80 -9.83
C GLU D 139 0.03 27.95 -11.07
N LEU D 140 -0.03 26.63 -10.87
CA LEU D 140 0.11 25.66 -11.94
C LEU D 140 -1.28 25.05 -12.06
N ARG D 141 -2.15 25.76 -12.76
CA ARG D 141 -3.56 25.37 -12.94
C ARG D 141 -3.79 24.25 -13.94
N GLN D 142 -4.31 23.13 -13.45
CA GLN D 142 -4.62 22.00 -14.33
C GLN D 142 -5.93 22.31 -15.04
N ILE D 143 -6.02 22.02 -16.33
CA ILE D 143 -7.26 22.30 -17.02
C ILE D 143 -7.72 21.26 -18.05
N SER D 144 -7.10 20.08 -18.03
CA SER D 144 -7.47 19.00 -18.96
C SER D 144 -6.75 17.70 -18.62
N HIS D 145 -7.32 16.58 -19.02
CA HIS D 145 -6.72 15.28 -18.80
C HIS D 145 -7.35 14.31 -19.81
N THR D 146 -6.58 13.30 -20.22
CA THR D 146 -7.08 12.35 -21.20
C THR D 146 -6.25 11.07 -21.17
N GLU D 147 -6.81 10.01 -21.74
CA GLU D 147 -6.14 8.72 -21.81
C GLU D 147 -6.01 8.40 -23.30
N MET D 148 -4.80 8.33 -23.82
CA MET D 148 -4.62 8.03 -25.23
C MET D 148 -4.72 6.51 -25.45
N GLU D 149 -4.80 6.08 -26.70
CA GLU D 149 -4.91 4.64 -26.98
C GLU D 149 -3.67 3.88 -26.58
N HIS D 150 -2.52 4.51 -26.72
CA HIS D 150 -1.26 3.87 -26.40
C HIS D 150 -0.38 4.82 -25.60
N GLU D 151 0.82 4.36 -25.28
CA GLU D 151 1.75 5.18 -24.53
C GLU D 151 2.28 6.32 -25.39
N VAL D 152 2.45 7.48 -24.75
CA VAL D 152 2.97 8.63 -25.45
C VAL D 152 4.47 8.45 -25.54
N ALA D 153 5.02 8.53 -26.75
CA ALA D 153 6.46 8.38 -26.94
C ALA D 153 7.12 9.76 -26.94
N CYS D 154 6.36 10.80 -27.27
CA CYS D 154 6.89 12.16 -27.29
C CYS D 154 5.80 13.22 -27.45
N LEU D 155 6.13 14.46 -27.10
CA LEU D 155 5.20 15.59 -27.15
C LEU D 155 5.78 16.92 -27.62
N ASP D 156 4.92 17.77 -28.18
CA ASP D 156 5.31 19.12 -28.62
C ASP D 156 4.15 20.09 -28.66
N ILE D 157 4.39 21.28 -28.11
CA ILE D 157 3.37 22.31 -28.06
C ILE D 157 3.95 23.65 -28.47
N THR D 158 4.84 23.63 -29.45
CA THR D 158 5.47 24.85 -29.94
C THR D 158 4.42 25.71 -30.61
N PRO D 159 4.28 26.98 -30.18
CA PRO D 159 3.32 27.97 -30.69
C PRO D 159 3.70 28.55 -32.05
N LEU D 160 2.87 28.31 -33.06
CA LEU D 160 3.15 28.82 -34.40
C LEU D 160 2.23 29.96 -34.81
N GLY D 161 2.70 30.74 -35.78
CA GLY D 161 1.93 31.85 -36.29
C GLY D 161 1.81 33.04 -35.37
N ASP D 162 0.57 33.51 -35.19
CA ASP D 162 0.31 34.66 -34.34
C ASP D 162 -0.30 34.23 -33.00
N SER D 163 0.10 33.05 -32.54
CA SER D 163 -0.37 32.53 -31.27
C SER D 163 0.34 33.34 -30.18
N ASN D 164 -0.41 33.81 -29.19
CA ASN D 164 0.16 34.59 -28.09
C ASN D 164 0.94 33.68 -27.16
N GLY D 165 1.86 32.89 -27.72
CA GLY D 165 2.62 31.98 -26.91
C GLY D 165 1.67 30.94 -26.34
N LEU D 166 0.41 31.01 -26.76
CA LEU D 166 -0.61 30.07 -26.29
C LEU D 166 -1.13 29.22 -27.42
N SER D 167 -0.40 28.13 -27.72
CA SER D 167 -0.77 27.22 -28.79
C SER D 167 -2.01 26.40 -28.52
N PRO D 168 -2.86 26.23 -29.54
CA PRO D 168 -4.10 25.46 -29.44
C PRO D 168 -3.86 24.06 -29.96
N LEU D 169 -2.66 23.81 -30.46
CA LEU D 169 -2.32 22.49 -30.97
C LEU D 169 -1.34 21.77 -30.08
N CYS D 170 -1.36 20.45 -30.18
CA CYS D 170 -0.46 19.61 -29.42
C CYS D 170 -0.06 18.46 -30.30
N ALA D 171 1.22 18.38 -30.64
CA ALA D 171 1.73 17.31 -31.47
C ALA D 171 2.16 16.18 -30.54
N ILE D 172 1.79 14.96 -30.88
CA ILE D 172 2.12 13.82 -30.03
C ILE D 172 2.43 12.56 -30.85
N GLY D 173 3.42 11.79 -30.38
CA GLY D 173 3.80 10.56 -31.05
C GLY D 173 3.49 9.40 -30.12
N LEU D 174 3.00 8.29 -30.67
CA LEU D 174 2.65 7.12 -29.86
C LEU D 174 3.45 5.85 -30.08
N TRP D 175 3.23 4.88 -29.19
CA TRP D 175 3.95 3.62 -29.21
C TRP D 175 3.54 2.52 -30.20
N THR D 176 2.36 1.94 -30.01
CA THR D 176 1.91 0.85 -30.86
C THR D 176 1.62 1.17 -32.33
N ASP D 177 0.59 1.98 -32.58
CA ASP D 177 0.24 2.32 -33.95
C ASP D 177 1.35 3.11 -34.63
N ILE D 178 2.33 3.55 -33.84
CA ILE D 178 3.45 4.31 -34.37
C ILE D 178 2.88 5.48 -35.18
N SER D 179 1.97 6.18 -34.52
CA SER D 179 1.28 7.31 -35.11
C SER D 179 1.83 8.65 -34.62
N ALA D 180 1.64 9.66 -35.45
CA ALA D 180 2.04 11.02 -35.14
C ALA D 180 0.70 11.73 -35.29
N ARG D 181 0.22 12.33 -34.22
CA ARG D 181 -1.08 13.00 -34.31
C ARG D 181 -1.13 14.40 -33.70
N ILE D 182 -2.01 15.22 -34.25
CA ILE D 182 -2.21 16.59 -33.79
C ILE D 182 -3.53 16.63 -33.01
N LEU D 183 -3.56 17.38 -31.91
CA LEU D 183 -4.76 17.48 -31.08
C LEU D 183 -5.08 18.92 -30.72
N LYS D 184 -6.36 19.22 -30.50
CA LYS D 184 -6.72 20.57 -30.10
C LYS D 184 -6.40 20.55 -28.62
N LEU D 185 -5.81 21.63 -28.13
CA LEU D 185 -5.41 21.64 -26.73
C LEU D 185 -6.42 21.68 -25.61
N PRO D 186 -7.38 22.60 -25.66
CA PRO D 186 -8.27 22.54 -24.51
C PRO D 186 -8.93 21.17 -24.29
N SER D 187 -9.10 20.41 -25.37
CA SER D 187 -9.79 19.12 -25.27
C SER D 187 -9.05 17.83 -25.68
N PHE D 188 -7.86 17.96 -26.27
CA PHE D 188 -7.12 16.78 -26.72
C PHE D 188 -7.88 16.03 -27.81
N GLU D 189 -8.75 16.73 -28.53
CA GLU D 189 -9.55 16.14 -29.60
C GLU D 189 -8.69 15.89 -30.84
N LEU D 190 -8.81 14.68 -31.40
CA LEU D 190 -8.03 14.27 -32.56
C LEU D 190 -8.28 15.04 -33.85
N LEU D 191 -7.35 15.93 -34.19
CA LEU D 191 -7.46 16.72 -35.41
C LEU D 191 -6.89 15.97 -36.62
N HIS D 192 -5.89 15.12 -36.39
CA HIS D 192 -5.29 14.35 -37.47
C HIS D 192 -4.38 13.25 -36.96
N LYS D 193 -4.33 12.14 -37.70
CA LYS D 193 -3.52 11.00 -37.32
C LYS D 193 -2.66 10.54 -38.49
N GLU D 194 -1.51 9.95 -38.19
CA GLU D 194 -0.60 9.48 -39.22
C GLU D 194 0.16 8.24 -38.76
N MET D 195 -0.12 7.12 -39.42
CA MET D 195 0.55 5.85 -39.12
C MET D 195 1.85 5.92 -39.89
N LEU D 196 2.92 6.37 -39.22
CA LEU D 196 4.21 6.52 -39.86
C LEU D 196 4.79 5.25 -40.46
N GLY D 197 5.38 4.41 -39.61
CA GLY D 197 5.96 3.17 -40.09
C GLY D 197 5.51 2.04 -39.19
N GLY D 198 6.36 1.03 -39.04
CA GLY D 198 6.01 -0.09 -38.19
C GLY D 198 7.15 -0.59 -37.32
N GLU D 199 6.90 -0.71 -36.02
CA GLU D 199 7.85 -1.21 -35.04
C GLU D 199 8.87 -0.27 -34.41
N ILE D 200 9.25 0.80 -35.10
CA ILE D 200 10.20 1.75 -34.53
C ILE D 200 9.41 2.86 -33.84
N ILE D 201 9.65 3.03 -32.54
CA ILE D 201 8.95 4.05 -31.75
C ILE D 201 9.42 5.47 -32.07
N PRO D 202 8.51 6.46 -32.05
CA PRO D 202 8.88 7.85 -32.33
C PRO D 202 9.68 8.30 -31.10
N ARG D 203 10.56 9.29 -31.24
CA ARG D 203 11.31 9.74 -30.07
C ARG D 203 11.32 11.24 -29.86
N SER D 204 11.29 11.99 -30.95
CA SER D 204 11.29 13.44 -30.87
C SER D 204 10.30 13.95 -31.89
N ILE D 205 9.65 15.06 -31.60
CA ILE D 205 8.68 15.61 -32.52
C ILE D 205 8.45 17.10 -32.24
N LEU D 206 8.25 17.90 -33.27
CA LEU D 206 8.01 19.31 -33.04
C LEU D 206 7.39 20.04 -34.22
N MET D 207 6.61 21.05 -33.89
CA MET D 207 5.95 21.89 -34.87
C MET D 207 6.88 23.08 -35.06
N THR D 208 7.13 23.47 -36.31
CA THR D 208 8.04 24.58 -36.55
C THR D 208 7.69 25.35 -37.82
N THR D 209 8.23 26.57 -37.93
CA THR D 209 7.96 27.41 -39.09
C THR D 209 9.24 27.75 -39.87
N PHE D 210 9.22 27.41 -41.16
CA PHE D 210 10.35 27.66 -42.04
C PHE D 210 9.82 28.53 -43.18
N GLU D 211 10.24 29.79 -43.23
CA GLU D 211 9.81 30.70 -44.28
C GLU D 211 8.28 30.76 -44.36
N SER D 212 7.66 31.20 -43.26
CA SER D 212 6.22 31.35 -43.17
C SER D 212 5.40 30.10 -43.50
N SER D 213 6.03 28.94 -43.42
CA SER D 213 5.34 27.67 -43.67
C SER D 213 5.49 26.82 -42.42
N HIS D 214 4.39 26.25 -41.97
CA HIS D 214 4.39 25.44 -40.76
C HIS D 214 4.61 23.96 -41.06
N TYR D 215 5.50 23.34 -40.28
CA TYR D 215 5.81 21.93 -40.44
C TYR D 215 5.73 21.14 -39.14
N LEU D 216 5.59 19.83 -39.29
CA LEU D 216 5.57 18.92 -38.16
C LEU D 216 6.64 17.89 -38.47
N LEU D 217 7.66 17.83 -37.63
CA LEU D 217 8.75 16.89 -37.80
C LEU D 217 8.63 15.82 -36.74
N CYS D 218 8.90 14.58 -37.11
CA CYS D 218 8.83 13.47 -36.18
C CYS D 218 9.95 12.49 -36.48
N ALA D 219 10.80 12.25 -35.47
CA ALA D 219 11.93 11.35 -35.65
C ALA D 219 11.71 10.02 -34.92
N LEU D 220 12.09 8.93 -35.57
CA LEU D 220 11.94 7.61 -34.98
C LEU D 220 13.23 7.19 -34.29
N GLY D 221 13.17 6.12 -33.52
CA GLY D 221 14.34 5.64 -32.81
C GLY D 221 15.45 5.10 -33.69
N ASP D 222 15.17 4.84 -34.96
CA ASP D 222 16.18 4.28 -35.87
C ASP D 222 16.93 5.32 -36.71
N GLY D 223 16.82 6.59 -36.35
CA GLY D 223 17.51 7.63 -37.10
C GLY D 223 16.80 8.10 -38.35
N ALA D 224 15.50 7.82 -38.42
CA ALA D 224 14.70 8.21 -39.58
C ALA D 224 13.85 9.42 -39.21
N LEU D 225 13.72 10.36 -40.15
CA LEU D 225 12.93 11.56 -39.90
C LEU D 225 11.79 11.79 -40.88
N PHE D 226 10.60 12.01 -40.32
CA PHE D 226 9.39 12.26 -41.12
C PHE D 226 9.04 13.75 -41.07
N TYR D 227 8.62 14.32 -42.18
CA TYR D 227 8.18 15.71 -42.17
C TYR D 227 6.94 15.96 -43.00
N PHE D 228 6.00 16.67 -42.38
CA PHE D 228 4.72 17.00 -42.99
C PHE D 228 4.49 18.51 -42.98
N GLY D 229 3.65 18.97 -43.89
CA GLY D 229 3.30 20.37 -43.92
C GLY D 229 2.21 20.40 -42.87
N LEU D 230 2.02 21.52 -42.20
CA LEU D 230 0.98 21.57 -41.18
C LEU D 230 0.08 22.77 -41.35
N ASN D 231 -1.21 22.54 -41.23
CA ASN D 231 -2.20 23.60 -41.32
C ASN D 231 -2.57 23.87 -39.86
N ILE D 232 -2.16 25.02 -39.34
CA ILE D 232 -2.42 25.38 -37.95
C ILE D 232 -3.87 25.72 -37.58
N GLU D 233 -4.77 25.64 -38.55
CA GLU D 233 -6.18 25.94 -38.32
C GLU D 233 -7.03 24.67 -38.25
N THR D 234 -6.60 23.62 -38.96
CA THR D 234 -7.32 22.35 -39.01
C THR D 234 -6.49 21.19 -38.47
N GLY D 235 -5.18 21.36 -38.40
CA GLY D 235 -4.30 20.32 -37.91
C GLY D 235 -4.08 19.24 -38.95
N LEU D 236 -4.26 19.60 -40.21
CA LEU D 236 -4.10 18.65 -41.31
C LEU D 236 -2.65 18.57 -41.80
N LEU D 237 -2.09 17.36 -41.79
CA LEU D 237 -0.72 17.12 -42.24
C LEU D 237 -0.78 16.63 -43.69
N SER D 238 0.16 17.07 -44.51
CA SER D 238 0.20 16.66 -45.92
C SER D 238 1.61 16.55 -46.46
N ASP D 239 1.74 15.82 -47.57
CA ASP D 239 3.02 15.62 -48.24
C ASP D 239 4.07 14.89 -47.40
N ARG D 240 3.68 13.76 -46.81
CA ARG D 240 4.59 12.96 -46.01
C ARG D 240 5.91 12.77 -46.75
N LYS D 241 7.00 13.10 -46.08
CA LYS D 241 8.33 12.97 -46.65
C LYS D 241 9.19 12.27 -45.59
N LYS D 242 9.96 11.27 -46.00
CA LYS D 242 10.81 10.53 -45.06
C LYS D 242 12.29 10.62 -45.38
N VAL D 243 13.05 11.09 -44.40
CA VAL D 243 14.47 11.24 -44.54
C VAL D 243 15.22 10.45 -43.47
N THR D 244 16.28 9.77 -43.90
CA THR D 244 17.08 9.02 -42.95
C THR D 244 18.31 9.89 -42.69
N LEU D 245 18.56 10.18 -41.43
CA LEU D 245 19.73 10.98 -41.08
C LEU D 245 20.33 10.43 -39.80
N GLY D 246 21.18 9.41 -39.96
CA GLY D 246 21.81 8.80 -38.81
C GLY D 246 21.21 7.46 -38.48
N THR D 247 21.91 6.74 -37.62
CA THR D 247 21.51 5.41 -37.17
C THR D 247 20.97 5.45 -35.75
N GLN D 248 21.19 6.58 -35.08
CA GLN D 248 20.76 6.73 -33.70
C GLN D 248 19.46 7.50 -33.54
N PRO D 249 18.85 7.41 -32.34
CA PRO D 249 17.60 8.12 -32.12
C PRO D 249 17.89 9.62 -32.31
N THR D 250 17.20 10.27 -33.24
CA THR D 250 17.41 11.69 -33.47
C THR D 250 16.57 12.50 -32.50
N VAL D 251 17.07 13.67 -32.11
CA VAL D 251 16.36 14.56 -31.20
C VAL D 251 16.35 15.93 -31.84
N LEU D 252 15.19 16.55 -31.87
CA LEU D 252 15.04 17.85 -32.52
C LEU D 252 14.85 19.00 -31.53
N ARG D 253 15.46 20.15 -31.85
CA ARG D 253 15.34 21.34 -31.03
C ARG D 253 15.39 22.56 -31.92
N THR D 254 14.58 23.57 -31.61
CA THR D 254 14.53 24.80 -32.39
C THR D 254 15.73 25.68 -32.11
N PHE D 255 16.19 26.37 -33.16
CA PHE D 255 17.35 27.25 -33.12
C PHE D 255 17.04 28.58 -33.80
N ARG D 256 17.76 29.61 -33.39
CA ARG D 256 17.60 30.93 -33.98
C ARG D 256 19.02 31.38 -34.32
N SER D 257 19.27 31.75 -35.56
CA SER D 257 20.61 32.20 -35.96
C SER D 257 20.52 33.68 -36.28
N LEU D 258 19.83 33.99 -37.38
CA LEU D 258 19.65 35.37 -37.80
C LEU D 258 18.18 35.71 -37.56
N SER D 259 17.50 36.17 -38.60
CA SER D 259 16.09 36.49 -38.46
C SER D 259 15.33 35.18 -38.64
N THR D 260 16.01 34.18 -39.18
CA THR D 260 15.43 32.87 -39.44
C THR D 260 15.58 31.92 -38.25
N THR D 261 14.83 30.82 -38.32
CA THR D 261 14.89 29.79 -37.27
C THR D 261 15.32 28.49 -37.92
N ASN D 262 15.97 27.63 -37.15
CA ASN D 262 16.42 26.33 -37.63
C ASN D 262 16.12 25.24 -36.61
N VAL D 263 16.22 24.00 -37.07
CA VAL D 263 16.02 22.85 -36.23
C VAL D 263 17.37 22.14 -36.24
N PHE D 264 17.85 21.78 -35.05
CA PHE D 264 19.11 21.07 -34.96
C PHE D 264 18.70 19.63 -34.71
N ALA D 265 19.27 18.70 -35.46
CA ALA D 265 18.92 17.30 -35.28
C ALA D 265 20.08 16.56 -34.61
N CYS D 266 19.91 16.28 -33.32
CA CYS D 266 20.92 15.58 -32.53
C CYS D 266 20.96 14.08 -32.88
N SER D 267 22.16 13.58 -33.18
CA SER D 267 22.34 12.16 -33.52
C SER D 267 23.77 11.86 -33.88
N ASP D 268 24.03 10.61 -34.24
CA ASP D 268 25.38 10.20 -34.63
C ASP D 268 25.76 10.94 -35.90
N ARG D 269 24.76 11.52 -36.57
CA ARG D 269 24.96 12.28 -37.80
C ARG D 269 24.30 13.66 -37.69
N PRO D 270 24.88 14.54 -36.88
CA PRO D 270 24.42 15.91 -36.62
C PRO D 270 23.90 16.62 -37.87
N THR D 271 22.68 17.16 -37.81
CA THR D 271 22.13 17.83 -38.97
C THR D 271 21.30 19.07 -38.63
N VAL D 272 21.42 20.10 -39.45
CA VAL D 272 20.65 21.31 -39.24
C VAL D 272 19.62 21.40 -40.37
N ILE D 273 18.36 21.58 -40.00
CA ILE D 273 17.26 21.67 -40.96
C ILE D 273 16.77 23.10 -41.11
N TYR D 274 16.57 23.54 -42.35
CA TYR D 274 16.11 24.88 -42.64
C TYR D 274 15.59 24.93 -44.07
N SER D 275 15.34 26.13 -44.60
CA SER D 275 14.87 26.29 -45.96
C SER D 275 15.34 27.62 -46.54
N SER D 276 15.85 27.59 -47.78
CA SER D 276 16.32 28.81 -48.42
C SER D 276 15.35 29.23 -49.51
N ASN D 277 14.96 28.27 -50.33
CA ASN D 277 14.03 28.48 -51.42
C ASN D 277 12.61 28.56 -50.87
N HIS D 278 12.08 27.40 -50.53
CA HIS D 278 10.74 27.21 -49.97
C HIS D 278 10.64 25.70 -49.76
N LYS D 279 11.79 25.05 -49.96
CA LYS D 279 11.92 23.61 -49.81
C LYS D 279 13.04 23.33 -48.82
N LEU D 280 12.67 23.07 -47.57
CA LEU D 280 13.63 22.82 -46.51
C LEU D 280 14.78 21.91 -46.92
N VAL D 281 15.99 22.29 -46.50
CA VAL D 281 17.20 21.56 -46.81
C VAL D 281 17.81 20.92 -45.57
N PHE D 282 18.67 19.93 -45.79
CA PHE D 282 19.32 19.24 -44.68
C PHE D 282 20.82 19.31 -44.81
N SER D 283 21.44 20.23 -44.07
CA SER D 283 22.89 20.38 -44.10
C SER D 283 23.52 19.62 -42.94
N ASN D 284 24.64 18.95 -43.21
CA ASN D 284 25.32 18.19 -42.18
C ASN D 284 26.22 19.09 -41.35
N VAL D 285 26.29 18.78 -40.06
CA VAL D 285 27.11 19.53 -39.11
C VAL D 285 28.45 18.82 -38.92
N ASN D 286 29.53 19.53 -39.21
CA ASN D 286 30.87 18.98 -39.07
C ASN D 286 31.26 18.87 -37.61
N LEU D 287 30.93 17.73 -37.05
CA LEU D 287 31.20 17.38 -35.66
C LEU D 287 30.86 15.92 -35.58
N LYS D 288 31.33 15.25 -34.55
CA LYS D 288 31.00 13.84 -34.41
C LYS D 288 29.69 13.83 -33.65
N GLU D 289 29.23 12.64 -33.26
CA GLU D 289 27.98 12.48 -32.53
C GLU D 289 27.66 13.59 -31.50
N VAL D 290 26.50 14.20 -31.66
CA VAL D 290 26.00 15.25 -30.75
C VAL D 290 24.72 14.69 -30.13
N ASN D 291 24.67 14.62 -28.81
CA ASN D 291 23.51 14.06 -28.11
C ASN D 291 22.49 15.11 -27.68
N TYR D 292 22.99 16.26 -27.24
CA TYR D 292 22.11 17.32 -26.79
C TYR D 292 22.63 18.69 -27.20
N MET D 293 21.71 19.64 -27.33
CA MET D 293 22.07 21.00 -27.72
C MET D 293 20.96 21.93 -27.26
N CYS D 294 21.26 23.22 -27.20
CA CYS D 294 20.25 24.20 -26.81
C CYS D 294 20.72 25.59 -27.22
N PRO D 295 19.79 26.44 -27.69
CA PRO D 295 20.17 27.80 -28.08
C PRO D 295 20.75 28.45 -26.85
N LEU D 296 21.52 29.52 -27.02
CA LEU D 296 22.10 30.17 -25.86
C LEU D 296 22.58 31.58 -26.14
N ASN D 297 21.76 32.57 -25.79
CA ASN D 297 22.19 33.95 -25.99
C ASN D 297 22.68 34.51 -24.66
N SER D 298 23.99 34.42 -24.44
CA SER D 298 24.59 34.90 -23.21
C SER D 298 25.35 36.19 -23.40
N ASP D 299 25.67 36.86 -22.29
CA ASP D 299 26.45 38.10 -22.34
C ASP D 299 27.78 37.67 -22.99
N GLY D 300 28.39 36.65 -22.42
CA GLY D 300 29.66 36.17 -22.93
C GLY D 300 29.56 35.48 -24.29
N TYR D 301 28.51 34.67 -24.48
CA TYR D 301 28.34 33.97 -25.74
C TYR D 301 27.03 34.38 -26.43
N PRO D 302 27.04 35.53 -27.09
CA PRO D 302 25.86 36.03 -27.80
C PRO D 302 25.48 35.06 -28.91
N ASP D 303 24.20 34.99 -29.23
CA ASP D 303 23.71 34.10 -30.27
C ASP D 303 24.66 32.93 -30.48
N SER D 304 24.64 31.98 -29.56
CA SER D 304 25.49 30.79 -29.62
C SER D 304 24.69 29.51 -29.45
N LEU D 305 25.39 28.40 -29.19
CA LEU D 305 24.74 27.11 -28.99
C LEU D 305 25.55 26.31 -27.99
N ALA D 306 24.87 25.45 -27.23
CA ALA D 306 25.55 24.59 -26.27
C ALA D 306 25.25 23.17 -26.76
N LEU D 307 26.30 22.46 -27.14
CA LEU D 307 26.17 21.10 -27.65
C LEU D 307 26.81 20.17 -26.63
N ALA D 308 26.43 18.90 -26.65
CA ALA D 308 26.96 17.95 -25.68
C ALA D 308 26.99 16.51 -26.20
N ASN D 309 28.06 15.79 -25.89
CA ASN D 309 28.20 14.39 -26.30
C ASN D 309 28.16 13.58 -25.00
N ASN D 310 28.82 12.44 -24.94
CA ASN D 310 28.79 11.67 -23.70
C ASN D 310 30.01 11.95 -22.85
N SER D 311 30.82 12.88 -23.30
CA SER D 311 32.03 13.24 -22.59
C SER D 311 32.18 14.74 -22.41
N THR D 312 31.79 15.51 -23.42
CA THR D 312 31.97 16.97 -23.38
C THR D 312 30.76 17.89 -23.61
N LEU D 313 30.83 19.08 -23.03
CA LEU D 313 29.81 20.12 -23.18
C LEU D 313 30.55 21.27 -23.89
N THR D 314 30.05 21.66 -25.05
CA THR D 314 30.69 22.71 -25.82
C THR D 314 29.75 23.87 -26.17
N ILE D 315 30.24 25.09 -25.99
CA ILE D 315 29.47 26.27 -26.35
C ILE D 315 30.08 26.65 -27.67
N GLY D 316 29.25 26.99 -28.65
CA GLY D 316 29.78 27.34 -29.94
C GLY D 316 28.83 28.20 -30.75
N THR D 317 29.36 28.81 -31.79
CA THR D 317 28.54 29.64 -32.64
C THR D 317 28.55 29.01 -34.01
N ILE D 318 27.40 29.05 -34.66
CA ILE D 318 27.30 28.45 -35.98
C ILE D 318 27.70 29.46 -37.07
N ASP D 319 28.37 28.96 -38.10
CA ASP D 319 28.92 29.77 -39.19
C ASP D 319 28.09 30.74 -40.07
N GLU D 320 27.23 30.23 -40.96
CA GLU D 320 26.44 31.13 -41.84
C GLU D 320 25.47 30.35 -42.70
N ILE D 321 24.62 29.53 -42.08
CA ILE D 321 23.64 28.76 -42.82
C ILE D 321 23.10 29.50 -44.04
C1 IPA E . -60.56 7.99 10.63
C2 IPA E . -59.46 8.86 11.14
C3 IPA E . -58.40 8.00 10.50
O2 IPA E . -59.37 9.04 12.56
#